data_2P1M
#
_entry.id   2P1M
#
_cell.length_a   102.510
_cell.length_b   80.450
_cell.length_c   125.031
_cell.angle_alpha   90.00
_cell.angle_beta   105.11
_cell.angle_gamma   90.00
#
_symmetry.space_group_name_H-M   'C 1 2 1'
#
loop_
_entity.id
_entity.type
_entity.pdbx_description
1 polymer 'SKP1-like protein 1A'
2 polymer 'TRANSPORT INHIBITOR RESPONSE 1 protein'
3 non-polymer 'INOSITOL HEXAKISPHOSPHATE'
4 water water
#
loop_
_entity_poly.entity_id
_entity_poly.type
_entity_poly.pdbx_seq_one_letter_code
_entity_poly.pdbx_strand_id
1 'polypeptide(L)'
;MSAKKIVLKSSDGESFEVEEAVALESQTIAHMVEDDCVDNGVPLPNVTSKILAKVIEYCKRHVEAAASKAEAVEGAATSD
DDLKAWDADFMKIDQATLFELILAANYLNIKNLLDLTCQTVADMIKGKTPEEIRTTFNIKNDFTPEEEEEVRRENQWAFE
;
A
2 'polypeptide(L)'
;MQKRIALSFPEEVLEHVFSFIQLDKDRNSVSLVCKSWYEIERWCRRKVFIGNCYAVSPATVIRRFPKVRSVELKGKPHFA
DFNLVPDGWGGYVYPWIEAMSSSYTWLEEIRLKRMVVTDDCLELIAKSFKNFKVLVLSSCEGFSTDGLAAIAATCRNLKE
LDLRESDVDDVSGHWLSHFPDTYTSLVSLNISCLASEVSFSALERLVTRCPNLKSLKLNRAVPLEKLATLLQRAPQLEEL
GTGGYTAEVRPDVYSGLSVALSGCKELRCLSGFWDAVPAYLPAVYSVCSRLTTLNLSYATVQSYDLVKLLCQCPKLQRLW
VLDYIEDAGLEVLASTCKDLRELRVFPSEPFVMEPNVALTEQGLVSVSMGCPKLESVLYFCRQMTNAALITIARNRPNMT
RFRLCIIEPKAPDYLTLEPLDIGFGAIVEHCKDLRRLSLSGLLTDKVFEYIGTYAKKMEMLSVAFAGDSDLGMHHVLSGC
DSLRKLEIRDCPFGDKALLANASKLETMRSLWMSSCSVSFGACKLLGQKMPKLNVEVIDERGAPDSRPESCPVERVFIYR
TVAGPRFDMPGFVWNMDQDSTMRFSRQIITTNGL
;
B
#
# COMPACT_ATOMS: atom_id res chain seq x y z
N LEU A 8 -4.59 -45.64 -30.94
CA LEU A 8 -4.95 -44.21 -31.26
C LEU A 8 -4.64 -43.88 -32.72
N LYS A 9 -5.66 -43.45 -33.45
CA LYS A 9 -5.49 -43.11 -34.87
C LYS A 9 -5.56 -41.60 -35.10
N SER A 10 -4.54 -41.04 -35.74
CA SER A 10 -4.41 -39.60 -35.90
C SER A 10 -5.36 -39.01 -36.96
N GLU A 20 -1.88 -48.22 -21.66
CA GLU A 20 -3.22 -47.79 -21.28
C GLU A 20 -3.18 -46.52 -20.43
N ALA A 21 -2.28 -46.50 -19.44
CA ALA A 21 -2.15 -45.35 -18.52
C ALA A 21 -1.84 -44.04 -19.26
N VAL A 22 -0.93 -44.12 -20.23
CA VAL A 22 -0.60 -42.98 -21.10
C VAL A 22 -1.84 -42.47 -21.84
N ALA A 23 -2.66 -43.38 -22.37
CA ALA A 23 -3.87 -43.00 -23.09
C ALA A 23 -4.91 -42.32 -22.19
N LEU A 24 -4.96 -42.74 -20.93
CA LEU A 24 -6.01 -42.33 -20.01
C LEU A 24 -5.79 -40.96 -19.37
N GLU A 25 -4.63 -40.37 -19.60
CA GLU A 25 -4.38 -38.99 -19.21
C GLU A 25 -5.41 -38.09 -19.87
N SER A 26 -5.70 -38.39 -21.14
CA SER A 26 -6.71 -37.69 -21.92
C SER A 26 -8.12 -38.11 -21.51
N GLN A 27 -8.90 -37.18 -21.00
CA GLN A 27 -10.26 -37.48 -20.60
C GLN A 27 -11.15 -37.66 -21.83
N THR A 28 -10.75 -37.07 -22.95
CA THR A 28 -11.43 -37.30 -24.22
C THR A 28 -11.29 -38.78 -24.58
N ILE A 29 -10.06 -39.27 -24.53
CA ILE A 29 -9.76 -40.66 -24.86
C ILE A 29 -10.45 -41.58 -23.87
N ALA A 30 -10.29 -41.29 -22.58
CA ALA A 30 -10.90 -42.06 -21.51
C ALA A 30 -12.42 -42.12 -21.61
N PRO A 43 -8.76 -43.12 -32.33
CA PRO A 43 -9.57 -42.46 -33.36
C PRO A 43 -9.71 -40.95 -33.10
N LEU A 44 -8.74 -40.19 -33.60
CA LEU A 44 -8.59 -38.78 -33.27
C LEU A 44 -8.53 -37.91 -34.52
N PRO A 45 -9.70 -37.56 -35.08
CA PRO A 45 -9.85 -36.76 -36.31
C PRO A 45 -9.11 -35.43 -36.26
N ASN A 46 -8.96 -34.87 -35.07
CA ASN A 46 -8.46 -33.51 -34.90
C ASN A 46 -7.00 -33.39 -34.43
N VAL A 47 -6.30 -34.52 -34.34
CA VAL A 47 -4.87 -34.51 -34.04
C VAL A 47 -4.07 -35.17 -35.15
N THR A 48 -3.04 -34.45 -35.62
CA THR A 48 -2.07 -34.90 -36.61
C THR A 48 -1.09 -35.90 -35.98
N SER A 49 -0.61 -36.85 -36.80
CA SER A 49 0.38 -37.84 -36.36
C SER A 49 1.63 -37.21 -35.74
N LYS A 50 2.15 -36.15 -36.38
CA LYS A 50 3.32 -35.44 -35.87
C LYS A 50 3.07 -34.86 -34.47
N ILE A 51 1.93 -34.21 -34.30
CA ILE A 51 1.55 -33.61 -33.02
C ILE A 51 1.15 -34.66 -31.98
N LEU A 52 0.45 -35.71 -32.43
CA LEU A 52 0.06 -36.84 -31.56
C LEU A 52 1.31 -37.47 -30.93
N ALA A 53 2.35 -37.63 -31.74
CA ALA A 53 3.63 -38.16 -31.29
C ALA A 53 4.17 -37.38 -30.09
N LYS A 54 4.10 -36.05 -30.19
CA LYS A 54 4.52 -35.14 -29.12
C LYS A 54 3.65 -35.31 -27.87
N VAL A 55 2.33 -35.34 -28.06
CA VAL A 55 1.36 -35.53 -26.98
C VAL A 55 1.62 -36.82 -26.18
N ILE A 56 1.92 -37.91 -26.89
CA ILE A 56 2.27 -39.20 -26.28
C ILE A 56 3.59 -39.10 -25.51
N GLU A 57 4.61 -38.56 -26.19
CA GLU A 57 5.91 -38.30 -25.60
C GLU A 57 5.75 -37.61 -24.24
N TYR A 58 4.90 -36.60 -24.22
CA TYR A 58 4.51 -35.94 -22.97
C TYR A 58 3.71 -36.90 -22.10
N LEU A 101 -0.11 -27.81 -30.43
CA LEU A 101 -0.06 -28.48 -29.14
C LEU A 101 -1.16 -28.06 -28.18
N ILE A 102 -1.39 -26.75 -28.07
CA ILE A 102 -2.43 -26.22 -27.17
C ILE A 102 -3.79 -26.73 -27.60
N LEU A 103 -4.01 -26.72 -28.93
CA LEU A 103 -5.27 -27.16 -29.51
C LEU A 103 -5.53 -28.65 -29.26
N ALA A 104 -4.47 -29.46 -29.39
CA ALA A 104 -4.55 -30.88 -29.11
C ALA A 104 -4.76 -31.15 -27.61
N ALA A 105 -4.00 -30.46 -26.77
CA ALA A 105 -4.13 -30.57 -25.31
C ALA A 105 -5.56 -30.25 -24.84
N ASN A 106 -6.20 -29.32 -25.56
CA ASN A 106 -7.56 -28.89 -25.25
C ASN A 106 -8.59 -29.88 -25.78
N TYR A 107 -8.36 -30.35 -27.01
CA TYR A 107 -9.22 -31.32 -27.68
C TYR A 107 -9.23 -32.67 -26.96
N LEU A 108 -8.06 -33.09 -26.48
CA LEU A 108 -7.91 -34.35 -25.79
C LEU A 108 -8.21 -34.17 -24.30
N ASN A 109 -8.48 -32.92 -23.89
CA ASN A 109 -8.79 -32.62 -22.50
C ASN A 109 -7.75 -33.23 -21.55
N ILE A 110 -6.49 -32.86 -21.76
CA ILE A 110 -5.37 -33.25 -20.88
C ILE A 110 -4.94 -32.03 -20.05
N LYS A 111 -5.38 -32.01 -18.79
CA LYS A 111 -5.24 -30.81 -17.95
C LYS A 111 -3.80 -30.30 -17.82
N ASN A 112 -2.85 -31.19 -17.54
CA ASN A 112 -1.46 -30.77 -17.28
C ASN A 112 -0.75 -30.24 -18.52
N LEU A 113 -1.00 -30.88 -19.66
CA LEU A 113 -0.47 -30.37 -20.93
C LEU A 113 -1.07 -29.00 -21.26
N LEU A 114 -2.37 -28.84 -20.99
CA LEU A 114 -3.04 -27.56 -21.14
C LEU A 114 -2.35 -26.49 -20.30
N ASP A 115 -2.18 -26.78 -19.01
CA ASP A 115 -1.47 -25.87 -18.09
C ASP A 115 -0.08 -25.48 -18.56
N LEU A 116 0.76 -26.47 -18.88
CA LEU A 116 2.12 -26.22 -19.39
C LEU A 116 2.07 -25.30 -20.60
N THR A 117 1.26 -25.66 -21.60
CA THR A 117 1.18 -24.91 -22.84
C THR A 117 0.58 -23.52 -22.65
N CYS A 118 -0.47 -23.42 -21.83
CA CYS A 118 -1.14 -22.12 -21.58
C CYS A 118 -0.31 -21.14 -20.74
N GLN A 119 0.48 -21.67 -19.81
CA GLN A 119 1.46 -20.88 -19.04
C GLN A 119 2.58 -20.35 -19.95
N THR A 120 3.12 -21.24 -20.79
CA THR A 120 4.11 -20.88 -21.80
C THR A 120 3.62 -19.74 -22.71
N VAL A 121 2.36 -19.82 -23.13
CA VAL A 121 1.74 -18.76 -23.92
C VAL A 121 1.59 -17.47 -23.10
N ALA A 122 1.26 -17.61 -21.82
CA ALA A 122 1.07 -16.44 -20.95
C ALA A 122 2.39 -15.72 -20.75
N ASP A 123 3.48 -16.48 -20.73
CA ASP A 123 4.81 -15.93 -20.60
C ASP A 123 5.24 -15.16 -21.86
N MET A 124 4.58 -15.44 -22.98
CA MET A 124 4.83 -14.70 -24.21
C MET A 124 4.12 -13.35 -24.19
N ILE A 125 3.22 -13.17 -23.23
CA ILE A 125 2.38 -11.97 -23.15
C ILE A 125 2.81 -11.03 -22.01
N LYS A 126 3.22 -11.60 -20.88
CA LYS A 126 3.57 -10.83 -19.69
C LYS A 126 4.57 -9.73 -19.99
N GLY A 127 4.35 -8.55 -19.42
CA GLY A 127 5.25 -7.40 -19.61
C GLY A 127 5.32 -6.81 -21.00
N LYS A 128 4.53 -7.32 -21.94
CA LYS A 128 4.52 -6.79 -23.31
C LYS A 128 3.41 -5.76 -23.54
N THR A 129 3.66 -4.84 -24.47
CA THR A 129 2.66 -3.85 -24.86
C THR A 129 1.62 -4.51 -25.76
N PRO A 130 0.42 -3.90 -25.89
CA PRO A 130 -0.58 -4.41 -26.84
C PRO A 130 -0.03 -4.62 -28.25
N GLU A 131 0.85 -3.72 -28.71
CA GLU A 131 1.44 -3.83 -30.04
C GLU A 131 2.43 -4.99 -30.17
N GLU A 132 3.25 -5.19 -29.14
CA GLU A 132 4.17 -6.32 -29.10
C GLU A 132 3.44 -7.66 -29.06
N ILE A 133 2.25 -7.67 -28.45
CA ILE A 133 1.46 -8.89 -28.33
C ILE A 133 0.94 -9.33 -29.69
N ARG A 134 0.24 -8.45 -30.39
CA ARG A 134 -0.26 -8.80 -31.73
C ARG A 134 0.86 -9.01 -32.74
N THR A 135 2.06 -8.53 -32.39
CA THR A 135 3.26 -8.79 -33.17
C THR A 135 3.74 -10.24 -33.00
N THR A 136 3.92 -10.68 -31.74
CA THR A 136 4.34 -12.06 -31.46
C THR A 136 3.28 -13.08 -31.90
N PHE A 137 2.01 -12.72 -31.71
CA PHE A 137 0.90 -13.45 -32.30
C PHE A 137 0.72 -12.87 -33.70
N ASN A 138 -0.45 -13.02 -34.30
CA ASN A 138 -0.64 -12.35 -35.59
C ASN A 138 -2.02 -11.73 -35.71
N ILE A 139 -2.33 -10.92 -34.70
CA ILE A 139 -3.64 -10.31 -34.55
C ILE A 139 -3.60 -8.89 -35.12
N LYS A 140 -4.68 -8.50 -35.79
CA LYS A 140 -4.83 -7.13 -36.29
C LYS A 140 -5.61 -6.29 -35.28
N ASN A 141 -5.30 -5.00 -35.24
CA ASN A 141 -5.94 -4.08 -34.32
C ASN A 141 -7.32 -3.67 -34.85
N ASP A 142 -8.37 -4.24 -34.27
CA ASP A 142 -9.73 -3.94 -34.75
C ASP A 142 -10.44 -2.85 -33.97
N PHE A 143 -9.67 -2.13 -33.16
CA PHE A 143 -10.13 -0.94 -32.44
C PHE A 143 -10.05 0.30 -33.33
N THR A 144 -11.14 1.07 -33.40
CA THR A 144 -11.06 2.42 -33.97
C THR A 144 -10.25 3.29 -32.99
N PRO A 145 -9.43 4.22 -33.51
CA PRO A 145 -8.63 5.11 -32.64
C PRO A 145 -9.41 5.72 -31.49
N GLU A 146 -10.68 6.07 -31.71
CA GLU A 146 -11.52 6.58 -30.62
C GLU A 146 -11.66 5.51 -29.53
N GLU A 147 -11.98 4.29 -29.94
CA GLU A 147 -12.17 3.16 -29.03
C GLU A 147 -10.92 2.81 -28.23
N GLU A 148 -9.77 2.80 -28.90
CA GLU A 148 -8.51 2.47 -28.26
C GLU A 148 -8.11 3.52 -27.21
N GLU A 149 -8.42 4.78 -27.48
CA GLU A 149 -8.10 5.85 -26.53
C GLU A 149 -9.00 5.79 -25.31
N GLU A 150 -10.29 5.47 -25.51
CA GLU A 150 -11.26 5.39 -24.43
C GLU A 150 -10.92 4.25 -23.46
N VAL A 151 -10.51 3.11 -24.01
CA VAL A 151 -10.12 1.95 -23.20
C VAL A 151 -8.81 2.22 -22.43
N ARG A 152 -7.79 2.68 -23.14
CA ARG A 152 -6.49 3.00 -22.53
C ARG A 152 -6.66 3.99 -21.39
N ARG A 153 -7.49 5.01 -21.62
CA ARG A 153 -7.78 6.00 -20.60
C ARG A 153 -8.45 5.38 -19.37
N GLU A 154 -9.51 4.61 -19.59
CA GLU A 154 -10.16 3.88 -18.49
C GLU A 154 -9.19 2.95 -17.75
N ASN A 155 -8.43 2.13 -18.49
CA ASN A 155 -7.40 1.25 -17.91
C ASN A 155 -6.45 2.01 -16.98
N GLN A 156 -5.90 3.11 -17.48
CA GLN A 156 -4.87 3.82 -16.71
C GLN A 156 -5.42 4.71 -15.58
N TRP A 157 -6.48 5.46 -15.86
CA TRP A 157 -7.01 6.38 -14.87
C TRP A 157 -7.79 5.69 -13.76
N ALA A 158 -8.46 4.58 -14.11
CA ALA A 158 -9.34 3.93 -13.13
C ALA A 158 -8.79 2.63 -12.54
N PHE A 159 -7.97 1.90 -13.29
CA PHE A 159 -7.68 0.49 -12.97
C PHE A 159 -6.22 0.17 -12.79
N GLU A 160 -5.42 1.23 -12.68
CA GLU A 160 -4.00 1.14 -12.38
C GLU A 160 -3.63 2.06 -11.21
N PRO B 10 -9.32 -21.01 -29.46
CA PRO B 10 -10.69 -20.94 -28.96
C PRO B 10 -10.78 -20.12 -27.68
N GLU B 11 -11.99 -19.66 -27.35
CA GLU B 11 -12.21 -18.78 -26.20
C GLU B 11 -11.73 -19.40 -24.88
N GLU B 12 -12.02 -20.69 -24.70
CA GLU B 12 -11.72 -21.41 -23.47
C GLU B 12 -10.22 -21.57 -23.22
N VAL B 13 -9.44 -21.65 -24.28
CA VAL B 13 -7.98 -21.64 -24.18
C VAL B 13 -7.48 -20.24 -23.78
N LEU B 14 -7.92 -19.21 -24.49
CA LEU B 14 -7.56 -17.82 -24.15
C LEU B 14 -7.87 -17.48 -22.69
N GLU B 15 -9.06 -17.85 -22.21
CA GLU B 15 -9.40 -17.61 -20.81
C GLU B 15 -8.43 -18.32 -19.86
N HIS B 16 -8.04 -19.55 -20.22
CA HIS B 16 -7.05 -20.30 -19.43
C HIS B 16 -5.65 -19.71 -19.49
N VAL B 17 -5.27 -19.20 -20.66
CA VAL B 17 -3.99 -18.50 -20.78
C VAL B 17 -4.02 -17.29 -19.84
N PHE B 18 -5.17 -16.60 -19.78
CA PHE B 18 -5.30 -15.39 -18.95
C PHE B 18 -5.29 -15.66 -17.44
N SER B 19 -5.68 -16.87 -17.05
CA SER B 19 -5.71 -17.26 -15.66
C SER B 19 -4.30 -17.15 -15.04
N PHE B 20 -3.28 -17.25 -15.88
CA PHE B 20 -1.89 -17.16 -15.47
C PHE B 20 -1.35 -15.72 -15.52
N ILE B 21 -2.21 -14.78 -15.85
CA ILE B 21 -1.86 -13.36 -15.94
C ILE B 21 -2.69 -12.60 -14.90
N GLN B 22 -2.05 -12.17 -13.82
CA GLN B 22 -2.83 -11.53 -12.74
C GLN B 22 -2.39 -10.10 -12.35
N LEU B 23 -1.31 -9.63 -12.96
CA LEU B 23 -0.84 -8.26 -12.76
C LEU B 23 -1.79 -7.29 -13.45
N ASP B 24 -2.25 -6.26 -12.74
CA ASP B 24 -3.14 -5.22 -13.29
C ASP B 24 -2.66 -4.66 -14.63
N LYS B 25 -1.39 -4.31 -14.72
CA LYS B 25 -0.84 -3.71 -15.95
C LYS B 25 -0.85 -4.68 -17.12
N ASP B 26 -0.61 -5.95 -16.84
CA ASP B 26 -0.60 -7.00 -17.85
C ASP B 26 -2.03 -7.26 -18.34
N ARG B 27 -2.97 -7.27 -17.40
CA ARG B 27 -4.40 -7.36 -17.68
C ARG B 27 -4.88 -6.26 -18.63
N ASN B 28 -4.44 -5.03 -18.34
CA ASN B 28 -4.82 -3.88 -19.13
C ASN B 28 -4.18 -3.95 -20.51
N SER B 29 -2.94 -4.40 -20.56
CA SER B 29 -2.23 -4.59 -21.82
C SER B 29 -2.95 -5.62 -22.73
N VAL B 30 -3.25 -6.80 -22.17
CA VAL B 30 -4.04 -7.80 -22.92
C VAL B 30 -5.41 -7.28 -23.39
N SER B 31 -6.07 -6.44 -22.58
CA SER B 31 -7.37 -5.88 -22.94
C SER B 31 -7.34 -4.99 -24.18
N LEU B 32 -6.15 -4.56 -24.58
CA LEU B 32 -5.98 -3.64 -25.71
C LEU B 32 -5.41 -4.26 -26.98
N VAL B 33 -5.17 -5.57 -27.01
CA VAL B 33 -4.59 -6.15 -28.23
C VAL B 33 -5.60 -6.27 -29.38
N CYS B 34 -6.86 -6.58 -29.05
CA CYS B 34 -7.98 -6.56 -30.01
C CYS B 34 -9.28 -6.66 -29.23
N LYS B 35 -10.40 -6.46 -29.92
CA LYS B 35 -11.73 -6.47 -29.30
C LYS B 35 -12.10 -7.82 -28.69
N SER B 36 -11.61 -8.90 -29.31
CA SER B 36 -11.91 -10.23 -28.79
C SER B 36 -11.20 -10.48 -27.46
N TRP B 37 -9.90 -10.17 -27.42
CA TRP B 37 -9.14 -10.20 -26.16
C TRP B 37 -9.73 -9.28 -25.11
N TYR B 38 -10.20 -8.11 -25.52
CA TYR B 38 -10.89 -7.19 -24.60
C TYR B 38 -12.05 -7.87 -23.84
N GLU B 39 -12.87 -8.59 -24.59
CA GLU B 39 -14.07 -9.22 -24.04
C GLU B 39 -13.75 -10.42 -23.16
N ILE B 40 -12.83 -11.27 -23.63
CA ILE B 40 -12.46 -12.47 -22.87
C ILE B 40 -11.77 -12.02 -21.58
N GLU B 41 -10.89 -11.02 -21.70
CA GLU B 41 -10.16 -10.51 -20.54
C GLU B 41 -11.11 -9.96 -19.46
N ARG B 42 -12.05 -9.11 -19.85
CA ARG B 42 -12.92 -8.49 -18.85
C ARG B 42 -13.80 -9.50 -18.11
N TRP B 43 -14.25 -10.55 -18.82
CA TRP B 43 -15.12 -11.52 -18.19
C TRP B 43 -14.44 -12.45 -17.18
N CYS B 44 -13.12 -12.49 -17.20
CA CYS B 44 -12.38 -13.34 -16.26
C CYS B 44 -11.46 -12.54 -15.32
N ARG B 45 -11.56 -11.21 -15.35
CA ARG B 45 -10.74 -10.41 -14.40
C ARG B 45 -11.26 -10.64 -12.97
N ARG B 46 -10.35 -11.03 -12.08
CA ARG B 46 -10.70 -11.45 -10.72
C ARG B 46 -10.60 -10.31 -9.69
N LYS B 47 -9.70 -9.37 -9.95
CA LYS B 47 -9.42 -8.29 -9.00
C LYS B 47 -9.37 -6.94 -9.70
N VAL B 48 -9.90 -5.92 -9.02
CA VAL B 48 -9.72 -4.53 -9.47
C VAL B 48 -9.03 -3.70 -8.40
N PHE B 49 -8.13 -2.85 -8.86
CA PHE B 49 -7.42 -1.92 -7.98
C PHE B 49 -7.77 -0.50 -8.39
N ILE B 50 -8.48 0.22 -7.52
CA ILE B 50 -8.95 1.59 -7.81
C ILE B 50 -8.25 2.54 -6.84
N GLY B 51 -7.16 3.12 -7.31
CA GLY B 51 -6.28 3.97 -6.50
C GLY B 51 -6.86 5.30 -6.05
N ASN B 52 -7.92 5.74 -6.71
CA ASN B 52 -8.66 6.95 -6.37
C ASN B 52 -10.12 6.66 -6.57
N CYS B 53 -10.86 6.55 -5.47
CA CYS B 53 -12.26 6.13 -5.57
C CYS B 53 -13.13 7.09 -6.41
N TYR B 54 -12.68 8.33 -6.59
CA TYR B 54 -13.45 9.26 -7.39
C TYR B 54 -12.99 9.36 -8.84
N ALA B 55 -12.01 8.53 -9.22
CA ALA B 55 -11.54 8.47 -10.62
C ALA B 55 -12.51 7.73 -11.57
N VAL B 56 -13.47 7.01 -11.02
CA VAL B 56 -14.37 6.13 -11.77
C VAL B 56 -15.63 5.86 -10.93
N SER B 57 -16.76 5.59 -11.58
CA SER B 57 -18.00 5.29 -10.85
C SER B 57 -18.12 3.77 -10.59
N PRO B 58 -18.80 3.39 -9.49
CA PRO B 58 -19.05 1.96 -9.25
C PRO B 58 -19.71 1.25 -10.45
N ALA B 59 -20.66 1.93 -11.09
CA ALA B 59 -21.44 1.31 -12.18
C ALA B 59 -20.52 0.94 -13.33
N THR B 60 -19.53 1.78 -13.63
CA THR B 60 -18.55 1.56 -14.69
C THR B 60 -17.70 0.33 -14.44
N VAL B 61 -17.27 0.20 -13.18
CA VAL B 61 -16.45 -0.92 -12.78
C VAL B 61 -17.24 -2.22 -12.92
N ILE B 62 -18.44 -2.22 -12.35
CA ILE B 62 -19.26 -3.42 -12.29
C ILE B 62 -19.71 -3.90 -13.66
N ARG B 63 -19.99 -2.97 -14.57
CA ARG B 63 -20.44 -3.41 -15.86
C ARG B 63 -19.29 -3.85 -16.75
N ARG B 64 -18.10 -3.31 -16.56
CA ARG B 64 -16.97 -3.79 -17.36
C ARG B 64 -16.47 -5.17 -16.90
N PHE B 65 -16.40 -5.35 -15.59
CA PHE B 65 -15.79 -6.52 -14.97
C PHE B 65 -16.84 -7.22 -14.10
N PRO B 66 -17.69 -8.03 -14.74
CA PRO B 66 -18.80 -8.57 -14.00
C PRO B 66 -18.43 -9.65 -12.99
N LYS B 67 -17.27 -10.30 -13.13
CA LYS B 67 -16.98 -11.49 -12.31
C LYS B 67 -15.89 -11.28 -11.24
N VAL B 68 -15.70 -10.03 -10.86
CA VAL B 68 -14.72 -9.64 -9.84
C VAL B 68 -15.00 -10.29 -8.49
N ARG B 69 -13.94 -10.78 -7.82
CA ARG B 69 -14.10 -11.30 -6.48
C ARG B 69 -13.33 -10.51 -5.43
N SER B 70 -12.45 -9.62 -5.87
CA SER B 70 -11.61 -8.84 -4.95
C SER B 70 -11.58 -7.40 -5.43
N VAL B 71 -11.96 -6.48 -4.53
CA VAL B 71 -11.95 -5.03 -4.82
C VAL B 71 -11.03 -4.30 -3.82
N GLU B 72 -10.16 -3.44 -4.33
CA GLU B 72 -9.36 -2.56 -3.49
C GLU B 72 -9.63 -1.10 -3.88
N LEU B 73 -9.96 -0.28 -2.89
CA LEU B 73 -10.29 1.12 -3.13
C LEU B 73 -9.49 1.99 -2.16
N LYS B 74 -9.00 3.10 -2.67
CA LYS B 74 -8.34 4.13 -1.82
C LYS B 74 -9.06 5.46 -1.97
N GLY B 75 -9.21 6.17 -0.85
CA GLY B 75 -10.02 7.41 -0.77
C GLY B 75 -9.18 8.67 -0.62
N LYS B 76 -9.11 9.19 0.59
CA LYS B 76 -8.34 10.43 0.85
C LYS B 76 -6.86 10.30 0.48
N PRO B 77 -6.25 11.40 0.00
CA PRO B 77 -4.83 11.36 -0.32
C PRO B 77 -3.96 11.37 0.95
N HIS B 78 -2.67 11.03 0.77
CA HIS B 78 -1.72 10.83 1.86
C HIS B 78 -1.72 11.93 2.92
N PHE B 79 -1.75 13.20 2.52
CA PHE B 79 -1.72 14.30 3.52
C PHE B 79 -2.91 14.32 4.50
N ALA B 80 -3.91 13.48 4.26
CA ALA B 80 -4.91 13.16 5.26
C ALA B 80 -4.24 12.72 6.57
N ASP B 81 -3.08 12.07 6.45
CA ASP B 81 -2.33 11.55 7.60
C ASP B 81 -1.80 12.67 8.53
N PHE B 82 -1.69 13.87 7.98
CA PHE B 82 -1.17 15.03 8.67
C PHE B 82 -2.32 16.00 9.02
N ASN B 83 -3.52 15.45 8.98
CA ASN B 83 -4.78 16.14 9.24
C ASN B 83 -5.04 17.37 8.37
N LEU B 84 -4.62 17.28 7.11
CA LEU B 84 -4.78 18.42 6.18
C LEU B 84 -6.05 18.30 5.34
N VAL B 85 -6.78 17.20 5.49
CA VAL B 85 -8.06 17.01 4.81
C VAL B 85 -9.18 17.15 5.86
N PRO B 86 -9.96 18.26 5.81
CA PRO B 86 -10.98 18.45 6.86
C PRO B 86 -11.99 17.32 6.91
N ASP B 87 -12.56 17.08 8.09
CA ASP B 87 -13.57 16.03 8.24
C ASP B 87 -14.76 16.28 7.31
N GLY B 88 -15.32 15.20 6.79
CA GLY B 88 -16.42 15.31 5.85
C GLY B 88 -16.03 15.56 4.39
N TRP B 89 -14.73 15.62 4.10
CA TRP B 89 -14.28 15.88 2.72
C TRP B 89 -14.93 14.88 1.76
N GLY B 90 -14.91 13.60 2.14
CA GLY B 90 -15.44 12.51 1.32
C GLY B 90 -14.69 11.18 1.48
N GLY B 91 -14.82 10.32 0.47
CA GLY B 91 -14.24 8.97 0.52
C GLY B 91 -15.23 7.93 1.04
N TYR B 92 -16.52 8.20 0.91
CA TYR B 92 -17.61 7.25 1.29
C TYR B 92 -17.63 5.94 0.49
N VAL B 93 -17.50 4.80 1.18
CA VAL B 93 -17.50 3.53 0.49
C VAL B 93 -18.92 2.98 0.24
N TYR B 94 -19.90 3.46 0.97
CA TYR B 94 -21.25 2.89 0.87
C TYR B 94 -21.78 2.80 -0.57
N PRO B 95 -21.64 3.87 -1.37
CA PRO B 95 -22.09 3.76 -2.77
C PRO B 95 -21.49 2.55 -3.50
N TRP B 96 -20.25 2.20 -3.15
CA TRP B 96 -19.53 1.06 -3.77
C TRP B 96 -20.13 -0.24 -3.24
N ILE B 97 -20.35 -0.31 -1.93
CA ILE B 97 -20.92 -1.53 -1.31
C ILE B 97 -22.33 -1.75 -1.86
N GLU B 98 -23.12 -0.69 -1.90
CA GLU B 98 -24.47 -0.78 -2.46
C GLU B 98 -24.50 -1.29 -3.91
N ALA B 99 -23.65 -0.73 -4.77
CA ALA B 99 -23.61 -1.17 -6.18
C ALA B 99 -23.16 -2.61 -6.31
N MET B 100 -22.14 -2.99 -5.56
CA MET B 100 -21.61 -4.35 -5.63
C MET B 100 -22.58 -5.36 -5.02
N SER B 101 -23.38 -4.92 -4.06
CA SER B 101 -24.23 -5.82 -3.29
C SER B 101 -25.21 -6.57 -4.19
N SER B 102 -25.58 -5.95 -5.32
CA SER B 102 -26.54 -6.52 -6.29
C SER B 102 -25.87 -7.39 -7.32
N SER B 103 -24.62 -7.07 -7.66
CA SER B 103 -23.97 -7.60 -8.85
C SER B 103 -22.84 -8.57 -8.58
N TYR B 104 -22.05 -8.30 -7.54
CA TYR B 104 -20.89 -9.12 -7.24
C TYR B 104 -21.28 -10.07 -6.13
N THR B 105 -22.17 -11.00 -6.46
CA THR B 105 -22.67 -11.94 -5.47
C THR B 105 -21.55 -12.79 -4.85
N TRP B 106 -20.55 -13.12 -5.64
CA TRP B 106 -19.47 -14.01 -5.24
C TRP B 106 -18.25 -13.25 -4.66
N LEU B 107 -18.45 -11.99 -4.26
CA LEU B 107 -17.30 -11.15 -3.82
C LEU B 107 -16.66 -11.74 -2.57
N GLU B 108 -15.33 -11.75 -2.51
CA GLU B 108 -14.59 -12.40 -1.40
C GLU B 108 -13.73 -11.43 -0.59
N GLU B 109 -13.24 -10.38 -1.23
CA GLU B 109 -12.22 -9.53 -0.58
C GLU B 109 -12.57 -8.07 -0.82
N ILE B 110 -12.56 -7.27 0.24
CA ILE B 110 -12.67 -5.82 0.13
C ILE B 110 -11.51 -5.23 0.94
N ARG B 111 -10.67 -4.47 0.25
CA ARG B 111 -9.53 -3.81 0.92
C ARG B 111 -9.69 -2.31 0.72
N LEU B 112 -9.78 -1.55 1.81
CA LEU B 112 -10.04 -0.12 1.73
C LEU B 112 -8.94 0.64 2.43
N LYS B 113 -8.60 1.82 1.92
CA LYS B 113 -7.61 2.67 2.60
C LYS B 113 -8.06 4.11 2.57
N ARG B 114 -8.07 4.76 3.75
CA ARG B 114 -8.52 6.15 3.89
C ARG B 114 -9.91 6.41 3.30
N MET B 115 -10.85 5.50 3.60
CA MET B 115 -12.23 5.61 3.18
C MET B 115 -13.04 5.82 4.45
N VAL B 116 -14.22 6.40 4.30
CA VAL B 116 -15.17 6.50 5.40
C VAL B 116 -16.06 5.27 5.26
N VAL B 117 -16.02 4.43 6.28
CA VAL B 117 -16.74 3.16 6.31
C VAL B 117 -17.65 3.23 7.54
N THR B 118 -18.94 2.93 7.36
CA THR B 118 -19.92 3.08 8.44
C THR B 118 -20.44 1.71 8.85
N ASP B 119 -21.12 1.64 9.99
CA ASP B 119 -21.74 0.39 10.40
C ASP B 119 -22.76 -0.13 9.39
N ASP B 120 -23.45 0.79 8.70
CA ASP B 120 -24.34 0.40 7.59
C ASP B 120 -23.58 -0.30 6.47
N CYS B 121 -22.36 0.17 6.16
CA CYS B 121 -21.53 -0.51 5.17
C CYS B 121 -21.22 -1.92 5.59
N LEU B 122 -20.87 -2.07 6.86
CA LEU B 122 -20.39 -3.36 7.36
C LEU B 122 -21.55 -4.33 7.42
N GLU B 123 -22.70 -3.82 7.87
CA GLU B 123 -23.91 -4.64 7.89
C GLU B 123 -24.28 -5.12 6.49
N LEU B 124 -24.17 -4.26 5.49
CA LEU B 124 -24.53 -4.62 4.11
C LEU B 124 -23.53 -5.61 3.51
N ILE B 125 -22.26 -5.46 3.83
CA ILE B 125 -21.24 -6.44 3.44
C ILE B 125 -21.62 -7.82 4.00
N ALA B 126 -21.88 -7.85 5.30
CA ALA B 126 -22.17 -9.11 6.02
C ALA B 126 -23.38 -9.78 5.38
N LYS B 127 -24.38 -8.98 5.05
CA LYS B 127 -25.61 -9.53 4.52
C LYS B 127 -25.58 -9.92 3.03
N SER B 128 -24.82 -9.20 2.20
CA SER B 128 -24.84 -9.42 0.75
C SER B 128 -23.85 -10.46 0.23
N PHE B 129 -22.70 -10.61 0.90
CA PHE B 129 -21.62 -11.43 0.36
C PHE B 129 -21.40 -12.69 1.17
N LYS B 130 -22.09 -13.75 0.80
CA LYS B 130 -21.95 -15.03 1.54
C LYS B 130 -20.53 -15.62 1.58
N ASN B 131 -19.77 -15.45 0.51
CA ASN B 131 -18.43 -16.02 0.43
C ASN B 131 -17.36 -15.06 0.92
N PHE B 132 -17.75 -14.10 1.73
CA PHE B 132 -16.85 -13.00 2.11
C PHE B 132 -15.74 -13.53 3.01
N LYS B 133 -14.50 -13.20 2.64
CA LYS B 133 -13.32 -13.78 3.31
C LYS B 133 -12.32 -12.76 3.86
N VAL B 134 -12.12 -11.63 3.19
CA VAL B 134 -11.05 -10.66 3.55
C VAL B 134 -11.61 -9.25 3.68
N LEU B 135 -11.47 -8.67 4.88
CA LEU B 135 -11.76 -7.25 5.09
C LEU B 135 -10.52 -6.55 5.66
N VAL B 136 -9.96 -5.63 4.88
CA VAL B 136 -8.80 -4.85 5.36
C VAL B 136 -9.28 -3.41 5.39
N LEU B 137 -9.28 -2.80 6.57
CA LEU B 137 -9.67 -1.39 6.71
C LEU B 137 -8.41 -0.64 7.19
N SER B 138 -7.67 -0.06 6.24
CA SER B 138 -6.38 0.58 6.52
C SER B 138 -6.61 2.11 6.65
N SER B 139 -6.36 2.66 7.84
CA SER B 139 -6.57 4.10 8.10
C SER B 139 -7.95 4.56 7.65
N CYS B 140 -8.97 3.75 7.92
CA CYS B 140 -10.36 4.13 7.68
C CYS B 140 -11.00 4.70 8.96
N GLU B 141 -12.18 5.32 8.80
CA GLU B 141 -12.91 5.87 9.92
C GLU B 141 -14.40 5.78 9.62
N GLY B 142 -15.21 5.92 10.66
CA GLY B 142 -16.63 6.13 10.49
C GLY B 142 -17.51 5.03 11.02
N PHE B 143 -16.90 3.98 11.57
CA PHE B 143 -17.63 2.81 12.05
C PHE B 143 -17.30 2.52 13.51
N SER B 144 -17.99 1.56 14.09
CA SER B 144 -17.87 1.27 15.50
C SER B 144 -17.76 -0.23 15.72
N THR B 145 -17.56 -0.63 16.96
CA THR B 145 -17.52 -2.04 17.28
C THR B 145 -18.86 -2.74 17.03
N ASP B 146 -19.95 -1.97 16.89
CA ASP B 146 -21.24 -2.57 16.48
C ASP B 146 -21.21 -3.13 15.05
N GLY B 147 -20.57 -2.40 14.14
CA GLY B 147 -20.40 -2.87 12.76
C GLY B 147 -19.51 -4.10 12.77
N LEU B 148 -18.46 -4.05 13.59
CA LEU B 148 -17.55 -5.19 13.75
C LEU B 148 -18.31 -6.43 14.25
N ALA B 149 -19.25 -6.22 15.17
CA ALA B 149 -20.07 -7.30 15.69
C ALA B 149 -20.95 -7.95 14.60
N ALA B 150 -21.42 -7.14 13.64
CA ALA B 150 -22.21 -7.66 12.54
C ALA B 150 -21.38 -8.58 11.64
N ILE B 151 -20.12 -8.19 11.39
CA ILE B 151 -19.18 -8.99 10.59
C ILE B 151 -18.89 -10.29 11.34
N ALA B 152 -18.57 -10.19 12.62
CA ALA B 152 -18.23 -11.38 13.43
C ALA B 152 -19.40 -12.37 13.49
N ALA B 153 -20.62 -11.84 13.61
CA ALA B 153 -21.80 -12.69 13.82
C ALA B 153 -22.18 -13.44 12.54
N THR B 154 -21.94 -12.81 11.40
CA THR B 154 -22.54 -13.20 10.14
C THR B 154 -21.59 -13.77 9.10
N CYS B 155 -20.35 -13.28 9.04
CA CYS B 155 -19.43 -13.73 7.99
C CYS B 155 -18.76 -15.08 8.31
N ARG B 156 -19.49 -16.16 7.98
CA ARG B 156 -19.14 -17.53 8.39
C ARG B 156 -17.83 -18.02 7.83
N ASN B 157 -17.39 -17.40 6.75
CA ASN B 157 -16.23 -17.83 5.99
C ASN B 157 -15.05 -16.86 6.13
N LEU B 158 -15.20 -15.89 7.03
CA LEU B 158 -14.18 -14.83 7.15
C LEU B 158 -12.79 -15.41 7.47
N LYS B 159 -11.79 -14.96 6.72
CA LYS B 159 -10.40 -15.36 6.91
C LYS B 159 -9.51 -14.22 7.44
N GLU B 160 -9.80 -12.99 7.04
CA GLU B 160 -8.97 -11.83 7.48
C GLU B 160 -9.84 -10.68 7.94
N LEU B 161 -9.54 -10.18 9.14
CA LEU B 161 -10.15 -8.95 9.61
C LEU B 161 -8.99 -8.09 10.09
N ASP B 162 -8.63 -7.08 9.29
CA ASP B 162 -7.38 -6.36 9.55
C ASP B 162 -7.73 -4.87 9.60
N LEU B 163 -7.63 -4.28 10.79
CA LEU B 163 -8.10 -2.91 11.03
C LEU B 163 -7.00 -1.83 11.12
N ARG B 164 -5.83 -2.14 10.57
CA ARG B 164 -4.63 -1.33 10.75
C ARG B 164 -4.83 0.18 10.70
N GLU B 165 -4.44 0.84 11.78
CA GLU B 165 -4.42 2.31 11.90
C GLU B 165 -5.81 2.97 11.72
N SER B 166 -6.87 2.18 11.76
CA SER B 166 -8.22 2.75 11.68
C SER B 166 -8.65 3.43 12.97
N ASP B 167 -9.55 4.38 12.81
CA ASP B 167 -10.12 5.15 13.90
C ASP B 167 -11.52 4.57 14.10
N VAL B 168 -11.67 3.73 15.13
CA VAL B 168 -12.93 3.03 15.38
C VAL B 168 -13.63 3.61 16.63
N ASP B 169 -14.93 3.83 16.53
CA ASP B 169 -15.75 4.20 17.69
C ASP B 169 -15.77 3.00 18.63
N ASP B 170 -14.99 3.09 19.71
CA ASP B 170 -14.78 1.95 20.62
C ASP B 170 -15.91 1.89 21.64
N VAL B 171 -17.08 1.43 21.17
CA VAL B 171 -18.27 1.29 21.99
C VAL B 171 -18.15 0.17 23.04
N SER B 172 -17.73 -1.03 22.63
CA SER B 172 -17.43 -2.08 23.61
C SER B 172 -16.68 -3.23 22.96
N GLY B 173 -15.91 -3.96 23.77
CA GLY B 173 -15.11 -5.08 23.28
C GLY B 173 -15.90 -6.36 23.08
N HIS B 174 -17.20 -6.28 23.37
CA HIS B 174 -18.14 -7.42 23.28
C HIS B 174 -18.29 -7.95 21.86
N TRP B 175 -18.00 -7.10 20.88
CA TRP B 175 -18.14 -7.49 19.46
C TRP B 175 -17.50 -8.84 19.12
N LEU B 176 -16.32 -9.11 19.68
CA LEU B 176 -15.54 -10.30 19.30
C LEU B 176 -16.23 -11.60 19.76
N SER B 177 -17.07 -11.50 20.79
CA SER B 177 -17.78 -12.68 21.33
C SER B 177 -18.90 -13.12 20.40
N HIS B 178 -19.18 -12.29 19.40
CA HIS B 178 -20.17 -12.61 18.37
C HIS B 178 -19.73 -13.64 17.34
N PHE B 179 -18.42 -13.89 17.18
CA PHE B 179 -18.00 -15.01 16.34
C PHE B 179 -18.59 -16.26 16.99
N PRO B 180 -19.35 -17.06 16.21
CA PRO B 180 -20.00 -18.25 16.79
C PRO B 180 -19.05 -19.43 17.00
N ASP B 181 -19.45 -20.41 17.81
CA ASP B 181 -18.61 -21.57 18.12
C ASP B 181 -18.26 -22.41 16.90
N THR B 182 -19.08 -22.32 15.87
CA THR B 182 -18.89 -23.02 14.60
C THR B 182 -17.88 -22.34 13.66
N TYR B 183 -17.44 -21.15 14.05
CA TYR B 183 -16.52 -20.36 13.21
C TYR B 183 -15.08 -20.77 13.49
N THR B 184 -14.36 -21.19 12.45
CA THR B 184 -13.01 -21.74 12.60
C THR B 184 -11.99 -21.28 11.54
N SER B 185 -12.40 -20.36 10.67
CA SER B 185 -11.68 -20.07 9.43
C SER B 185 -10.69 -18.88 9.52
N LEU B 186 -10.56 -18.27 10.69
CA LEU B 186 -9.67 -17.08 10.83
C LEU B 186 -8.20 -17.37 10.53
N VAL B 187 -7.61 -16.55 9.68
CA VAL B 187 -6.21 -16.64 9.28
C VAL B 187 -5.44 -15.40 9.79
N SER B 188 -6.08 -14.22 9.76
CA SER B 188 -5.36 -12.96 10.12
C SER B 188 -6.33 -12.07 10.90
N LEU B 189 -5.92 -11.67 12.08
CA LEU B 189 -6.69 -10.74 12.89
C LEU B 189 -5.79 -9.61 13.40
N ASN B 190 -6.09 -8.39 12.97
CA ASN B 190 -5.36 -7.20 13.45
C ASN B 190 -6.36 -6.29 14.13
N ILE B 191 -6.35 -6.27 15.47
CA ILE B 191 -7.19 -5.39 16.26
C ILE B 191 -6.35 -4.35 17.04
N SER B 192 -5.12 -4.08 16.57
CA SER B 192 -4.17 -3.24 17.33
C SER B 192 -4.65 -1.81 17.52
N CYS B 193 -5.57 -1.36 16.67
CA CYS B 193 -6.12 0.00 16.76
C CYS B 193 -7.25 0.18 17.79
N LEU B 194 -7.74 -0.92 18.38
CA LEU B 194 -8.94 -0.85 19.22
C LEU B 194 -8.59 -0.56 20.66
N ALA B 195 -9.24 0.43 21.25
CA ALA B 195 -8.99 0.83 22.65
C ALA B 195 -9.79 -0.06 23.63
N SER B 196 -10.89 -0.63 23.16
CA SER B 196 -11.79 -1.36 24.05
C SER B 196 -11.28 -2.79 24.23
N GLU B 197 -11.44 -3.31 25.46
CA GLU B 197 -10.94 -4.64 25.82
C GLU B 197 -11.93 -5.71 25.38
N VAL B 198 -11.42 -6.62 24.58
CA VAL B 198 -12.17 -7.74 24.08
C VAL B 198 -12.26 -8.76 25.25
N SER B 199 -13.29 -9.61 25.28
CA SER B 199 -13.38 -10.68 26.29
C SER B 199 -12.19 -11.61 26.13
N PHE B 200 -11.32 -11.68 27.14
CA PHE B 200 -10.14 -12.52 26.96
C PHE B 200 -10.48 -14.00 26.79
N SER B 201 -11.48 -14.48 27.51
CA SER B 201 -11.92 -15.86 27.36
C SER B 201 -12.45 -16.12 25.94
N ALA B 202 -13.23 -15.19 25.39
CA ALA B 202 -13.72 -15.36 24.01
C ALA B 202 -12.56 -15.38 23.01
N LEU B 203 -11.58 -14.53 23.27
CA LEU B 203 -10.38 -14.46 22.44
C LEU B 203 -9.59 -15.77 22.50
N GLU B 204 -9.40 -16.31 23.71
CA GLU B 204 -8.66 -17.55 23.84
C GLU B 204 -9.40 -18.69 23.13
N ARG B 205 -10.72 -18.72 23.28
CA ARG B 205 -11.57 -19.73 22.60
C ARG B 205 -11.51 -19.59 21.09
N LEU B 206 -11.43 -18.35 20.61
CA LEU B 206 -11.36 -18.08 19.17
C LEU B 206 -10.06 -18.60 18.63
N VAL B 207 -8.95 -18.21 19.25
CA VAL B 207 -7.62 -18.64 18.82
C VAL B 207 -7.53 -20.18 18.82
N THR B 208 -7.97 -20.79 19.91
CA THR B 208 -7.96 -22.25 20.04
C THR B 208 -8.64 -22.94 18.85
N ARG B 209 -9.81 -22.47 18.45
CA ARG B 209 -10.61 -23.14 17.39
C ARG B 209 -10.27 -22.75 15.94
N CYS B 210 -9.23 -21.93 15.77
CA CYS B 210 -8.81 -21.44 14.45
C CYS B 210 -7.42 -21.95 14.09
N PRO B 211 -7.34 -23.18 13.56
CA PRO B 211 -6.05 -23.84 13.35
C PRO B 211 -5.22 -23.23 12.22
N ASN B 212 -5.86 -22.43 11.36
CA ASN B 212 -5.14 -21.78 10.26
C ASN B 212 -4.75 -20.33 10.57
N LEU B 213 -4.92 -19.91 11.84
CA LEU B 213 -4.52 -18.57 12.28
C LEU B 213 -3.01 -18.37 12.18
N LYS B 214 -2.60 -17.40 11.38
CA LYS B 214 -1.19 -17.21 11.08
C LYS B 214 -0.68 -15.83 11.50
N SER B 215 -1.58 -14.85 11.64
CA SER B 215 -1.23 -13.48 12.02
C SER B 215 -2.21 -12.98 13.06
N LEU B 216 -1.68 -12.62 14.23
CA LEU B 216 -2.51 -12.20 15.34
C LEU B 216 -1.85 -10.96 15.91
N LYS B 217 -2.49 -9.83 15.69
CA LYS B 217 -1.98 -8.51 16.15
C LYS B 217 -2.97 -7.97 17.17
N LEU B 218 -2.59 -8.08 18.43
CA LEU B 218 -3.47 -7.76 19.53
C LEU B 218 -3.57 -6.28 19.81
N ASN B 219 -4.57 -5.92 20.60
CA ASN B 219 -4.63 -4.59 21.14
C ASN B 219 -3.95 -4.48 22.51
N ARG B 220 -3.71 -3.23 22.93
CA ARG B 220 -3.00 -2.93 24.16
C ARG B 220 -3.64 -3.52 25.39
N ALA B 221 -4.97 -3.67 25.36
CA ALA B 221 -5.75 -4.17 26.50
C ALA B 221 -5.50 -5.64 26.84
N VAL B 222 -4.77 -6.37 25.99
CA VAL B 222 -4.33 -7.73 26.33
C VAL B 222 -3.01 -7.58 27.07
N PRO B 223 -3.01 -7.89 28.38
CA PRO B 223 -1.80 -7.65 29.14
C PRO B 223 -0.70 -8.71 28.91
N LEU B 224 0.52 -8.34 29.22
CA LEU B 224 1.67 -9.21 28.98
C LEU B 224 1.50 -10.55 29.71
N GLU B 225 0.91 -10.51 30.90
CA GLU B 225 0.73 -11.75 31.70
C GLU B 225 -0.22 -12.76 31.04
N LYS B 226 -0.98 -12.33 30.04
CA LYS B 226 -1.89 -13.23 29.32
C LYS B 226 -1.38 -13.69 27.96
N LEU B 227 -0.25 -13.15 27.52
CA LEU B 227 0.27 -13.44 26.21
C LEU B 227 0.66 -14.91 26.01
N ALA B 228 1.39 -15.48 26.96
CA ALA B 228 1.88 -16.86 26.80
C ALA B 228 0.70 -17.81 26.61
N THR B 229 -0.41 -17.52 27.28
CA THR B 229 -1.65 -18.29 27.15
C THR B 229 -2.12 -18.40 25.71
N LEU B 230 -2.15 -17.26 25.01
CA LEU B 230 -2.58 -17.24 23.63
C LEU B 230 -1.59 -17.94 22.74
N LEU B 231 -0.30 -17.72 22.96
CA LEU B 231 0.75 -18.31 22.13
C LEU B 231 0.77 -19.83 22.21
N GLN B 232 0.49 -20.36 23.39
CA GLN B 232 0.36 -21.82 23.56
C GLN B 232 -0.77 -22.39 22.70
N ARG B 233 -1.80 -21.56 22.43
CA ARG B 233 -2.96 -21.99 21.65
C ARG B 233 -2.75 -21.85 20.16
N ALA B 234 -1.71 -21.12 19.75
CA ALA B 234 -1.42 -20.91 18.34
C ALA B 234 0.07 -21.07 18.04
N PRO B 235 0.63 -22.30 18.20
CA PRO B 235 2.09 -22.37 17.97
C PRO B 235 2.51 -22.16 16.50
N GLN B 236 1.54 -22.15 15.58
CA GLN B 236 1.78 -21.99 14.13
C GLN B 236 1.90 -20.53 13.66
N LEU B 237 1.80 -19.59 14.59
CA LEU B 237 1.75 -18.18 14.24
C LEU B 237 3.02 -17.73 13.47
N GLU B 238 2.82 -16.95 12.40
CA GLU B 238 3.94 -16.38 11.65
C GLU B 238 4.17 -14.92 11.99
N GLU B 239 3.11 -14.24 12.43
CA GLU B 239 3.19 -12.84 12.84
C GLU B 239 2.45 -12.65 14.13
N LEU B 240 3.07 -11.93 15.06
CA LEU B 240 2.46 -11.62 16.34
C LEU B 240 2.63 -10.15 16.65
N GLY B 241 1.53 -9.50 16.94
CA GLY B 241 1.57 -8.20 17.57
C GLY B 241 1.15 -8.39 19.01
N THR B 242 2.07 -8.08 19.93
CA THR B 242 1.78 -8.21 21.34
C THR B 242 0.70 -7.22 21.73
N GLY B 243 0.08 -7.43 22.90
CA GLY B 243 -0.68 -6.37 23.58
C GLY B 243 0.30 -5.58 24.42
N GLY B 244 -0.15 -5.14 25.59
CA GLY B 244 0.71 -4.48 26.57
C GLY B 244 1.93 -5.34 26.84
N TYR B 245 3.06 -4.70 27.09
CA TYR B 245 4.30 -5.44 27.30
C TYR B 245 4.94 -5.00 28.62
N THR B 246 4.08 -4.88 29.64
CA THR B 246 4.49 -4.49 30.97
C THR B 246 3.87 -5.41 32.03
N ALA B 247 4.65 -5.69 33.07
CA ALA B 247 4.20 -6.47 34.21
C ALA B 247 5.19 -6.28 35.31
N GLU B 248 4.80 -6.64 36.53
CA GLU B 248 5.79 -6.80 37.57
C GLU B 248 6.78 -7.85 37.08
N VAL B 249 8.05 -7.61 37.37
CA VAL B 249 9.13 -8.48 36.95
C VAL B 249 9.16 -9.72 37.86
N ARG B 250 8.82 -10.87 37.29
CA ARG B 250 8.74 -12.12 38.06
C ARG B 250 9.35 -13.24 37.22
N PRO B 251 10.18 -14.12 37.84
CA PRO B 251 10.71 -15.26 37.07
C PRO B 251 9.66 -16.18 36.42
N ASP B 252 8.53 -16.41 37.07
CA ASP B 252 7.53 -17.32 36.49
C ASP B 252 6.89 -16.73 35.24
N VAL B 253 6.64 -15.42 35.26
CA VAL B 253 6.02 -14.74 34.12
C VAL B 253 6.96 -14.76 32.92
N TYR B 254 8.21 -14.38 33.19
CA TYR B 254 9.21 -14.34 32.16
C TYR B 254 9.44 -15.73 31.54
N SER B 255 9.54 -16.75 32.39
CA SER B 255 9.77 -18.11 31.93
C SER B 255 8.59 -18.61 31.09
N GLY B 256 7.38 -18.36 31.53
CA GLY B 256 6.20 -18.79 30.76
C GLY B 256 6.17 -18.12 29.37
N LEU B 257 6.55 -16.85 29.32
CA LEU B 257 6.57 -16.11 28.06
C LEU B 257 7.64 -16.67 27.12
N SER B 258 8.85 -16.86 27.66
CA SER B 258 10.01 -17.40 26.93
C SER B 258 9.71 -18.73 26.22
N VAL B 259 9.11 -19.65 26.98
CA VAL B 259 8.73 -21.00 26.51
C VAL B 259 7.68 -20.95 25.38
N ALA B 260 6.66 -20.12 25.59
CA ALA B 260 5.56 -19.95 24.66
C ALA B 260 6.07 -19.35 23.37
N LEU B 261 6.90 -18.32 23.46
CA LEU B 261 7.49 -17.71 22.24
C LEU B 261 8.38 -18.71 21.50
N SER B 262 9.19 -19.45 22.25
CA SER B 262 10.10 -20.44 21.67
C SER B 262 9.35 -21.61 21.00
N GLY B 263 8.13 -21.86 21.44
CA GLY B 263 7.26 -22.87 20.83
C GLY B 263 6.65 -22.41 19.53
N CYS B 264 6.84 -21.13 19.18
CA CYS B 264 6.32 -20.59 17.92
C CYS B 264 7.44 -20.57 16.87
N LYS B 265 7.67 -21.71 16.23
CA LYS B 265 8.84 -21.87 15.36
C LYS B 265 8.73 -21.17 14.02
N GLU B 266 7.52 -20.76 13.66
CA GLU B 266 7.32 -20.10 12.38
C GLU B 266 7.24 -18.57 12.54
N LEU B 267 7.38 -18.08 13.76
CA LEU B 267 7.30 -16.62 14.02
C LEU B 267 8.39 -15.87 13.28
N ARG B 268 7.98 -14.88 12.47
CA ARG B 268 8.93 -14.13 11.64
C ARG B 268 8.80 -12.62 11.82
N CYS B 269 7.69 -12.19 12.40
CA CYS B 269 7.33 -10.76 12.46
C CYS B 269 6.77 -10.48 13.83
N LEU B 270 7.35 -9.50 14.52
CA LEU B 270 6.94 -9.12 15.87
C LEU B 270 6.69 -7.62 15.91
N SER B 271 5.63 -7.21 16.59
CA SER B 271 5.20 -5.82 16.72
C SER B 271 4.43 -5.67 18.03
N GLY B 272 3.93 -4.47 18.30
CA GLY B 272 3.18 -4.16 19.55
C GLY B 272 4.12 -3.52 20.54
N PHE B 273 4.42 -4.22 21.63
CA PHE B 273 5.42 -3.74 22.63
C PHE B 273 5.04 -2.43 23.34
N TRP B 274 3.75 -2.10 23.46
CA TRP B 274 3.34 -0.91 24.21
C TRP B 274 3.85 -0.99 25.63
N ASP B 275 4.38 0.13 26.12
CA ASP B 275 4.87 0.24 27.49
C ASP B 275 5.96 -0.78 27.81
N ALA B 276 6.72 -1.23 26.80
CA ALA B 276 7.66 -2.36 26.99
C ALA B 276 8.64 -2.11 28.14
N VAL B 277 8.76 -3.10 29.03
CA VAL B 277 9.71 -3.10 30.15
C VAL B 277 10.94 -3.85 29.65
N PRO B 278 12.13 -3.25 29.76
CA PRO B 278 13.36 -3.87 29.27
C PRO B 278 13.57 -5.28 29.83
N ALA B 279 13.17 -5.53 31.09
CA ALA B 279 13.30 -6.84 31.73
C ALA B 279 12.57 -7.98 31.00
N TYR B 280 11.57 -7.63 30.20
CA TYR B 280 10.78 -8.64 29.49
C TYR B 280 11.02 -8.74 28.01
N LEU B 281 11.80 -7.80 27.44
CA LEU B 281 12.18 -7.94 26.03
C LEU B 281 12.92 -9.25 25.70
N PRO B 282 13.87 -9.69 26.56
CA PRO B 282 14.64 -10.91 26.26
C PRO B 282 13.87 -12.20 25.98
N ALA B 283 12.62 -12.27 26.41
CA ALA B 283 11.76 -13.44 26.14
C ALA B 283 11.54 -13.73 24.65
N VAL B 284 11.74 -12.72 23.81
CA VAL B 284 11.57 -12.87 22.37
C VAL B 284 12.86 -13.35 21.67
N TYR B 285 13.96 -13.43 22.41
CA TYR B 285 15.25 -13.77 21.79
C TYR B 285 15.25 -15.10 21.06
N SER B 286 14.40 -16.03 21.45
CA SER B 286 14.33 -17.35 20.77
C SER B 286 13.86 -17.21 19.32
N VAL B 287 13.01 -16.21 19.11
CA VAL B 287 12.50 -15.83 17.82
C VAL B 287 13.56 -15.13 17.02
N CYS B 288 14.49 -14.46 17.71
CA CYS B 288 15.29 -13.39 17.06
C CYS B 288 15.97 -13.84 15.82
N SER B 289 16.49 -15.07 15.89
CA SER B 289 17.33 -15.64 14.86
C SER B 289 16.68 -15.74 13.49
N ARG B 290 15.36 -15.92 13.43
CA ARG B 290 14.67 -15.99 12.14
C ARG B 290 13.74 -14.81 11.89
N LEU B 291 13.75 -13.82 12.76
CA LEU B 291 12.84 -12.65 12.61
C LEU B 291 13.26 -11.91 11.37
N THR B 292 12.26 -11.52 10.56
CA THR B 292 12.49 -10.70 9.37
C THR B 292 11.88 -9.31 9.48
N THR B 293 10.87 -9.15 10.34
CA THR B 293 10.30 -7.80 10.62
C THR B 293 10.19 -7.58 12.10
N LEU B 294 10.68 -6.42 12.54
CA LEU B 294 10.56 -6.03 13.91
C LEU B 294 10.02 -4.58 13.94
N ASN B 295 8.89 -4.41 14.61
CA ASN B 295 8.31 -3.08 14.76
C ASN B 295 8.34 -2.71 16.25
N LEU B 296 9.36 -1.92 16.61
CA LEU B 296 9.54 -1.44 17.95
C LEU B 296 9.11 0.04 18.14
N SER B 297 8.30 0.56 17.21
CA SER B 297 7.79 1.97 17.19
C SER B 297 7.17 2.45 18.47
N TYR B 298 6.53 1.54 19.20
CA TYR B 298 5.79 1.90 20.41
C TYR B 298 6.58 1.74 21.71
N ALA B 299 7.75 1.12 21.61
CA ALA B 299 8.55 0.80 22.79
C ALA B 299 9.52 1.94 23.09
N THR B 300 9.46 2.52 24.28
CA THR B 300 10.35 3.67 24.56
C THR B 300 11.63 3.27 25.32
N VAL B 301 12.10 2.07 25.01
CA VAL B 301 13.31 1.46 25.53
C VAL B 301 14.60 2.10 24.94
N GLN B 302 15.69 2.10 25.73
CA GLN B 302 16.88 2.87 25.34
C GLN B 302 17.80 2.11 24.42
N SER B 303 18.84 2.80 23.91
CA SER B 303 19.69 2.28 22.85
C SER B 303 20.30 0.92 23.18
N TYR B 304 20.86 0.79 24.38
CA TYR B 304 21.58 -0.45 24.72
C TYR B 304 20.66 -1.69 24.71
N ASP B 305 19.45 -1.51 25.22
CA ASP B 305 18.44 -2.58 25.22
C ASP B 305 17.99 -2.93 23.80
N LEU B 306 17.82 -1.91 22.96
CA LEU B 306 17.53 -2.16 21.56
C LEU B 306 18.68 -2.92 20.90
N VAL B 307 19.91 -2.53 21.22
CA VAL B 307 21.11 -3.16 20.67
C VAL B 307 21.21 -4.64 21.07
N LYS B 308 20.90 -4.97 22.31
CA LYS B 308 20.96 -6.38 22.73
C LYS B 308 20.02 -7.27 21.89
N LEU B 309 18.84 -6.74 21.57
CA LEU B 309 17.85 -7.43 20.73
C LEU B 309 18.36 -7.55 19.29
N LEU B 310 18.71 -6.40 18.70
CA LEU B 310 19.18 -6.35 17.32
C LEU B 310 20.41 -7.20 17.01
N CYS B 311 21.34 -7.31 17.98
CA CYS B 311 22.54 -8.15 17.85
C CYS B 311 22.28 -9.58 17.40
N GLN B 312 21.10 -10.06 17.70
CA GLN B 312 20.82 -11.45 17.40
C GLN B 312 19.66 -11.65 16.43
N CYS B 313 19.48 -10.66 15.55
CA CYS B 313 18.51 -10.70 14.46
C CYS B 313 19.23 -10.65 13.10
N PRO B 314 20.10 -11.64 12.81
CA PRO B 314 20.80 -11.53 11.55
C PRO B 314 19.94 -11.57 10.30
N LYS B 315 18.73 -12.12 10.39
CA LYS B 315 17.92 -12.22 9.18
C LYS B 315 16.98 -11.02 8.97
N LEU B 316 17.12 -9.98 9.79
CA LEU B 316 16.15 -8.88 9.79
C LEU B 316 16.11 -8.23 8.44
N GLN B 317 14.91 -7.97 7.93
CA GLN B 317 14.78 -7.25 6.66
C GLN B 317 14.09 -5.91 6.80
N ARG B 318 13.24 -5.77 7.82
CA ARG B 318 12.47 -4.53 8.02
C ARG B 318 12.53 -4.20 9.49
N LEU B 319 13.04 -2.99 9.79
CA LEU B 319 13.05 -2.46 11.16
C LEU B 319 12.31 -1.10 11.25
N TRP B 320 11.33 -1.00 12.13
CA TRP B 320 10.75 0.30 12.53
C TRP B 320 11.09 0.49 14.01
N VAL B 321 11.64 1.66 14.34
CA VAL B 321 12.24 1.85 15.64
C VAL B 321 12.16 3.34 16.00
N LEU B 322 12.13 3.66 17.29
CA LEU B 322 12.20 5.08 17.71
C LEU B 322 13.62 5.54 17.65
N ASP B 323 13.81 6.85 17.66
CA ASP B 323 15.15 7.42 17.49
C ASP B 323 16.04 7.12 18.72
N TYR B 324 15.42 6.54 19.76
CA TYR B 324 16.16 6.03 20.92
C TYR B 324 17.24 5.03 20.54
N ILE B 325 17.15 4.45 19.34
CA ILE B 325 18.19 3.56 18.80
C ILE B 325 19.55 4.26 18.80
N GLU B 326 19.53 5.54 18.44
CA GLU B 326 20.68 6.45 18.40
C GLU B 326 21.68 6.06 17.32
N ASP B 327 22.68 6.93 17.10
CA ASP B 327 23.71 6.64 16.11
C ASP B 327 24.46 5.33 16.48
N ALA B 328 24.76 5.15 17.77
CA ALA B 328 25.44 3.94 18.24
C ALA B 328 24.66 2.64 17.95
N GLY B 329 23.33 2.67 18.09
CA GLY B 329 22.51 1.49 17.78
C GLY B 329 22.48 1.23 16.29
N LEU B 330 22.50 2.31 15.50
CA LEU B 330 22.48 2.13 14.07
C LEU B 330 23.80 1.60 13.51
N GLU B 331 24.91 1.91 14.17
CA GLU B 331 26.22 1.37 13.81
C GLU B 331 26.19 -0.15 14.01
N VAL B 332 25.53 -0.59 15.08
CA VAL B 332 25.40 -2.03 15.36
C VAL B 332 24.50 -2.71 14.30
N LEU B 333 23.35 -2.09 14.02
CA LEU B 333 22.44 -2.58 13.00
C LEU B 333 23.17 -2.75 11.69
N ALA B 334 24.01 -1.79 11.32
CA ALA B 334 24.73 -1.80 10.06
C ALA B 334 25.72 -2.98 9.97
N SER B 335 26.27 -3.42 11.08
CA SER B 335 27.22 -4.52 11.02
C SER B 335 26.53 -5.89 11.16
N THR B 336 25.41 -5.91 11.86
CA THR B 336 24.68 -7.13 12.20
C THR B 336 23.69 -7.60 11.13
N CYS B 337 22.96 -6.66 10.55
CA CYS B 337 21.80 -7.03 9.73
C CYS B 337 22.04 -6.75 8.26
N LYS B 338 22.84 -7.61 7.63
CA LYS B 338 23.22 -7.45 6.22
C LYS B 338 22.10 -7.66 5.20
N ASP B 339 20.96 -8.20 5.64
CA ASP B 339 19.85 -8.38 4.72
C ASP B 339 18.78 -7.30 4.92
N LEU B 340 19.08 -6.26 5.69
CA LEU B 340 18.08 -5.20 5.93
C LEU B 340 17.69 -4.53 4.61
N ARG B 341 16.37 -4.35 4.43
CA ARG B 341 15.82 -3.77 3.20
C ARG B 341 15.15 -2.43 3.48
N GLU B 342 14.59 -2.30 4.68
CA GLU B 342 13.78 -1.12 5.07
C GLU B 342 14.09 -0.70 6.49
N LEU B 343 14.33 0.60 6.68
CA LEU B 343 14.57 1.15 8.01
C LEU B 343 13.66 2.38 8.16
N ARG B 344 12.87 2.41 9.23
CA ARG B 344 12.10 3.60 9.62
C ARG B 344 12.43 3.99 11.05
N VAL B 345 12.89 5.22 11.24
CA VAL B 345 13.27 5.71 12.55
C VAL B 345 12.38 6.90 12.87
N PHE B 346 11.52 6.72 13.85
CA PHE B 346 10.48 7.69 14.22
C PHE B 346 10.92 8.58 15.38
N PRO B 347 10.34 9.82 15.51
CA PRO B 347 10.79 10.72 16.57
C PRO B 347 10.13 10.38 17.91
N SER B 348 10.91 10.36 18.99
CA SER B 348 10.34 10.12 20.31
C SER B 348 9.72 11.38 20.91
N GLU B 349 10.30 12.54 20.58
CA GLU B 349 9.82 13.83 21.11
C GLU B 349 9.76 14.88 19.99
N PRO B 350 8.79 14.75 19.08
CA PRO B 350 8.78 15.62 17.88
C PRO B 350 8.45 17.10 18.19
N PHE B 351 8.00 17.38 19.41
CA PHE B 351 7.63 18.74 19.79
C PHE B 351 8.68 19.43 20.65
N VAL B 352 9.88 18.86 20.67
CA VAL B 352 11.02 19.42 21.40
C VAL B 352 12.12 19.70 20.37
N MET B 353 12.58 20.95 20.30
CA MET B 353 13.52 21.36 19.23
C MET B 353 14.96 20.90 19.50
N GLU B 354 15.40 21.02 20.75
CA GLU B 354 16.71 20.51 21.13
C GLU B 354 16.67 18.98 21.20
N PRO B 355 17.74 18.30 20.76
CA PRO B 355 17.78 16.83 20.70
C PRO B 355 17.66 16.19 22.08
N ASN B 356 16.80 15.18 22.17
CA ASN B 356 16.64 14.39 23.40
C ASN B 356 17.39 13.05 23.30
N VAL B 357 17.90 12.75 22.10
CA VAL B 357 18.64 11.51 21.83
C VAL B 357 19.80 11.84 20.93
N ALA B 358 20.84 11.01 20.95
CA ALA B 358 22.01 11.17 20.07
C ALA B 358 21.82 10.46 18.75
N LEU B 359 20.87 10.97 17.96
CA LEU B 359 20.54 10.42 16.67
C LEU B 359 20.70 11.53 15.64
N THR B 360 21.60 11.31 14.68
CA THR B 360 21.98 12.38 13.74
C THR B 360 22.08 11.82 12.35
N GLU B 361 22.64 12.59 11.42
CA GLU B 361 22.91 12.07 10.08
C GLU B 361 23.82 10.82 10.08
N GLN B 362 24.71 10.69 11.07
CA GLN B 362 25.69 9.60 11.02
C GLN B 362 25.03 8.23 11.08
N GLY B 363 23.94 8.12 11.84
CA GLY B 363 23.22 6.83 11.93
C GLY B 363 22.80 6.38 10.54
N LEU B 364 22.23 7.31 9.76
CA LEU B 364 21.76 6.93 8.44
C LEU B 364 22.95 6.66 7.52
N VAL B 365 24.04 7.43 7.67
CA VAL B 365 25.23 7.15 6.88
C VAL B 365 25.74 5.73 7.19
N SER B 366 25.78 5.36 8.46
CA SER B 366 26.30 4.04 8.85
C SER B 366 25.54 2.90 8.15
N VAL B 367 24.23 3.00 8.19
CA VAL B 367 23.36 1.96 7.61
C VAL B 367 23.50 1.94 6.08
N SER B 368 23.65 3.11 5.48
CA SER B 368 23.87 3.17 4.02
C SER B 368 25.17 2.46 3.61
N MET B 369 26.22 2.57 4.42
CA MET B 369 27.50 1.91 4.14
C MET B 369 27.41 0.37 4.39
N GLY B 370 26.73 -0.01 5.46
CA GLY B 370 26.77 -1.41 5.98
C GLY B 370 25.73 -2.38 5.43
N CYS B 371 24.58 -1.86 4.99
CA CYS B 371 23.47 -2.69 4.55
C CYS B 371 23.25 -2.60 3.07
N PRO B 372 23.86 -3.52 2.29
CA PRO B 372 23.86 -3.40 0.85
C PRO B 372 22.50 -3.54 0.17
N LYS B 373 21.51 -4.06 0.88
CA LYS B 373 20.19 -4.25 0.30
C LYS B 373 19.22 -3.17 0.80
N LEU B 374 19.72 -2.21 1.58
CA LEU B 374 18.86 -1.15 2.11
C LEU B 374 18.32 -0.34 0.92
N GLU B 375 17.01 -0.35 0.74
CA GLU B 375 16.41 0.46 -0.37
C GLU B 375 15.23 1.35 0.01
N SER B 376 14.76 1.25 1.25
CA SER B 376 13.61 2.05 1.71
C SER B 376 13.96 2.66 3.06
N VAL B 377 13.89 3.99 3.12
CA VAL B 377 14.29 4.75 4.31
C VAL B 377 13.18 5.76 4.65
N LEU B 378 12.75 5.75 5.92
CA LEU B 378 12.04 6.90 6.50
C LEU B 378 12.80 7.33 7.75
N TYR B 379 13.30 8.56 7.77
CA TYR B 379 14.23 8.91 8.86
C TYR B 379 13.92 10.29 9.44
N PHE B 380 13.57 10.34 10.73
CA PHE B 380 13.30 11.60 11.41
C PHE B 380 14.53 11.98 12.22
N CYS B 381 15.05 13.18 11.99
CA CYS B 381 16.20 13.63 12.74
C CYS B 381 16.20 15.15 12.85
N ARG B 382 17.12 15.71 13.62
CA ARG B 382 17.13 17.16 13.80
C ARG B 382 18.19 17.87 12.99
N GLN B 383 19.14 17.12 12.43
CA GLN B 383 20.23 17.73 11.67
C GLN B 383 20.64 16.88 10.49
N MET B 384 21.17 17.51 9.46
CA MET B 384 21.55 16.84 8.23
C MET B 384 22.66 17.66 7.57
N THR B 385 23.49 17.02 6.76
CA THR B 385 24.46 17.74 5.93
C THR B 385 24.36 17.28 4.49
N ASN B 386 24.80 18.15 3.57
CA ASN B 386 25.01 17.75 2.20
C ASN B 386 26.03 16.62 2.04
N ALA B 387 27.09 16.69 2.83
CA ALA B 387 28.10 15.65 2.79
C ALA B 387 27.49 14.28 3.08
N ALA B 388 26.60 14.22 4.09
CA ALA B 388 25.97 12.94 4.51
C ALA B 388 25.07 12.42 3.40
N LEU B 389 24.25 13.30 2.82
CA LEU B 389 23.35 12.89 1.73
C LEU B 389 24.10 12.39 0.50
N ILE B 390 25.22 13.05 0.19
CA ILE B 390 26.07 12.61 -0.93
C ILE B 390 26.67 11.24 -0.65
N THR B 391 27.10 11.03 0.59
CA THR B 391 27.67 9.72 0.98
C THR B 391 26.60 8.63 0.88
N ILE B 392 25.41 8.95 1.33
CA ILE B 392 24.30 8.01 1.26
C ILE B 392 23.98 7.65 -0.19
N ALA B 393 23.87 8.66 -1.07
CA ALA B 393 23.55 8.44 -2.47
C ALA B 393 24.62 7.59 -3.15
N ARG B 394 25.89 7.88 -2.89
CA ARG B 394 26.99 7.14 -3.49
C ARG B 394 27.02 5.69 -3.01
N ASN B 395 26.72 5.48 -1.73
CA ASN B 395 26.74 4.14 -1.12
C ASN B 395 25.56 3.30 -1.59
N ARG B 396 24.38 3.93 -1.71
CA ARG B 396 23.15 3.19 -1.99
C ARG B 396 22.50 3.61 -3.33
N PRO B 397 23.15 3.32 -4.47
CA PRO B 397 22.48 3.71 -5.72
C PRO B 397 21.25 2.86 -6.05
N ASN B 398 21.00 1.84 -5.24
CA ASN B 398 19.80 1.01 -5.33
C ASN B 398 18.57 1.52 -4.52
N MET B 399 18.71 2.68 -3.86
CA MET B 399 17.62 3.22 -3.05
C MET B 399 16.36 3.42 -3.92
N THR B 400 15.20 2.97 -3.44
CA THR B 400 13.96 3.15 -4.20
C THR B 400 12.95 4.06 -3.48
N ARG B 401 13.03 4.13 -2.15
CA ARG B 401 12.14 5.04 -1.40
C ARG B 401 12.97 5.77 -0.36
N PHE B 402 13.04 7.10 -0.46
CA PHE B 402 13.88 7.87 0.47
C PHE B 402 13.10 9.03 1.05
N ARG B 403 12.80 8.96 2.35
CA ARG B 403 11.95 9.99 3.03
C ARG B 403 12.70 10.53 4.24
N LEU B 404 13.12 11.79 4.16
CA LEU B 404 13.92 12.36 5.22
C LEU B 404 13.10 13.47 5.84
N CYS B 405 12.91 13.42 7.16
CA CYS B 405 12.04 14.35 7.83
C CYS B 405 12.82 15.08 8.91
N ILE B 406 13.36 16.23 8.56
CA ILE B 406 14.09 17.03 9.51
C ILE B 406 13.06 17.83 10.28
N ILE B 407 13.14 17.75 11.61
CA ILE B 407 12.12 18.24 12.52
C ILE B 407 11.85 19.75 12.37
N GLU B 408 12.93 20.52 12.28
CA GLU B 408 12.87 21.98 12.09
C GLU B 408 12.65 22.29 10.61
N PRO B 409 11.50 22.90 10.25
CA PRO B 409 11.39 23.39 8.87
C PRO B 409 12.54 24.33 8.49
N LYS B 410 13.02 24.14 7.27
CA LYS B 410 14.03 24.97 6.61
C LYS B 410 15.38 24.93 7.31
N ALA B 411 15.64 23.90 8.11
CA ALA B 411 16.98 23.77 8.72
C ALA B 411 17.98 23.56 7.60
N PRO B 412 19.07 24.39 7.57
CA PRO B 412 20.12 24.20 6.57
C PRO B 412 21.09 23.07 6.97
N ASP B 413 22.01 22.73 6.09
CA ASP B 413 23.18 21.90 6.44
C ASP B 413 23.82 22.56 7.69
N TYR B 414 23.99 21.81 8.77
CA TYR B 414 24.34 22.48 10.04
C TYR B 414 25.81 22.84 10.13
N LEU B 415 26.60 22.29 9.21
CA LEU B 415 28.03 22.56 9.18
C LEU B 415 28.39 23.69 8.23
N THR B 416 27.74 23.74 7.07
CA THR B 416 28.06 24.74 6.03
C THR B 416 27.02 25.87 5.97
N LEU B 417 25.85 25.60 6.54
CA LEU B 417 24.68 26.50 6.54
C LEU B 417 24.05 26.68 5.16
N GLU B 418 24.47 25.88 4.18
CA GLU B 418 23.86 25.92 2.84
C GLU B 418 22.55 25.15 2.80
N PRO B 419 21.69 25.43 1.80
CA PRO B 419 20.49 24.61 1.60
C PRO B 419 20.90 23.18 1.28
N LEU B 420 19.97 22.24 1.43
CA LEU B 420 20.29 20.82 1.15
C LEU B 420 20.06 20.44 -0.32
N ASP B 421 20.05 21.45 -1.21
CA ASP B 421 19.86 21.21 -2.64
C ASP B 421 20.84 20.19 -3.20
N ILE B 422 22.15 20.35 -2.95
CA ILE B 422 23.13 19.46 -3.61
C ILE B 422 23.05 18.01 -3.08
N GLY B 423 22.71 17.89 -1.80
CA GLY B 423 22.60 16.55 -1.12
C GLY B 423 21.43 15.79 -1.70
N PHE B 424 20.26 16.42 -1.76
CA PHE B 424 19.13 15.75 -2.43
C PHE B 424 19.37 15.60 -3.92
N GLY B 425 20.10 16.54 -4.53
CA GLY B 425 20.52 16.43 -5.92
C GLY B 425 21.28 15.14 -6.15
N ALA B 426 22.21 14.81 -5.25
CA ALA B 426 22.99 13.56 -5.32
C ALA B 426 22.09 12.35 -5.20
N ILE B 427 21.10 12.41 -4.32
CA ILE B 427 20.12 11.30 -4.21
C ILE B 427 19.40 10.99 -5.53
N VAL B 428 18.87 12.01 -6.18
CA VAL B 428 18.17 11.76 -7.45
C VAL B 428 19.13 11.47 -8.60
N GLU B 429 20.35 12.01 -8.53
CA GLU B 429 21.33 11.75 -9.60
C GLU B 429 21.83 10.31 -9.57
N HIS B 430 22.11 9.81 -8.37
CA HIS B 430 22.75 8.48 -8.21
C HIS B 430 21.76 7.35 -8.02
N CYS B 431 20.60 7.65 -7.44
CA CYS B 431 19.60 6.59 -7.23
C CYS B 431 18.62 6.55 -8.39
N LYS B 432 19.02 5.86 -9.47
CA LYS B 432 18.30 5.93 -10.73
C LYS B 432 16.90 5.28 -10.73
N ASP B 433 16.64 4.37 -9.78
CA ASP B 433 15.31 3.78 -9.66
C ASP B 433 14.53 4.29 -8.46
N LEU B 434 14.88 5.49 -8.00
CA LEU B 434 14.15 6.09 -6.89
C LEU B 434 12.72 6.38 -7.30
N ARG B 435 11.76 5.75 -6.62
CA ARG B 435 10.35 5.96 -6.96
C ARG B 435 9.56 6.83 -5.98
N ARG B 436 10.14 7.08 -4.81
CA ARG B 436 9.47 7.93 -3.80
C ARG B 436 10.49 8.80 -3.08
N LEU B 437 10.15 10.07 -2.91
CA LEU B 437 11.05 11.02 -2.27
C LEU B 437 10.20 11.94 -1.41
N SER B 438 10.64 12.15 -0.16
CA SER B 438 10.06 13.23 0.63
C SER B 438 11.20 14.13 1.06
N LEU B 439 11.03 15.41 0.80
CA LEU B 439 12.05 16.47 1.01
C LEU B 439 11.81 17.21 2.32
N SER B 440 12.89 17.74 2.92
CA SER B 440 12.79 18.65 4.06
C SER B 440 14.15 19.33 4.22
N GLY B 441 14.27 20.23 5.19
CA GLY B 441 15.47 21.07 5.28
C GLY B 441 15.35 22.29 4.37
N LEU B 442 16.34 23.17 4.46
CA LEU B 442 16.31 24.39 3.65
C LEU B 442 16.52 24.01 2.22
N LEU B 443 15.62 24.45 1.33
CA LEU B 443 15.70 24.06 -0.08
C LEU B 443 15.25 25.22 -0.95
N THR B 444 16.01 25.42 -2.02
CA THR B 444 15.70 26.48 -3.00
C THR B 444 15.13 25.86 -4.27
N ASP B 445 14.85 26.70 -5.28
CA ASP B 445 14.36 26.17 -6.55
C ASP B 445 15.35 25.20 -7.17
N LYS B 446 16.64 25.28 -6.79
CA LYS B 446 17.66 24.46 -7.44
C LYS B 446 17.45 22.96 -7.21
N VAL B 447 16.97 22.60 -6.02
CA VAL B 447 16.72 21.16 -5.75
C VAL B 447 15.67 20.60 -6.71
N PHE B 448 14.69 21.45 -7.06
CA PHE B 448 13.64 21.05 -8.00
C PHE B 448 14.17 20.91 -9.43
N GLU B 449 15.15 21.76 -9.77
CA GLU B 449 15.82 21.65 -11.04
C GLU B 449 16.50 20.27 -11.12
N TYR B 450 17.22 19.89 -10.07
CA TYR B 450 17.86 18.55 -9.99
C TYR B 450 16.85 17.40 -10.12
N ILE B 451 15.78 17.50 -9.35
CA ILE B 451 14.69 16.51 -9.41
C ILE B 451 14.12 16.37 -10.84
N GLY B 452 13.84 17.52 -11.46
CA GLY B 452 13.35 17.51 -12.83
C GLY B 452 14.29 16.85 -13.81
N THR B 453 15.59 17.05 -13.61
CA THR B 453 16.61 16.57 -14.54
C THR B 453 16.90 15.09 -14.33
N TYR B 454 16.93 14.66 -13.06
CA TYR B 454 17.44 13.33 -12.71
C TYR B 454 16.39 12.31 -12.23
N ALA B 455 15.31 12.77 -11.60
CA ALA B 455 14.33 11.87 -10.96
C ALA B 455 13.30 11.34 -11.97
N LYS B 456 13.79 10.62 -12.97
CA LYS B 456 12.96 10.21 -14.09
C LYS B 456 12.06 8.99 -13.79
N LYS B 457 12.37 8.30 -12.69
CA LYS B 457 11.58 7.15 -12.21
C LYS B 457 10.70 7.49 -11.02
N MET B 458 10.80 8.73 -10.55
CA MET B 458 10.03 9.15 -9.36
C MET B 458 8.53 9.13 -9.62
N GLU B 459 7.80 8.47 -8.72
CA GLU B 459 6.36 8.36 -8.85
C GLU B 459 5.63 9.17 -7.81
N MET B 460 6.24 9.34 -6.64
CA MET B 460 5.58 10.05 -5.56
C MET B 460 6.57 11.01 -4.91
N LEU B 461 6.21 12.30 -4.89
CA LEU B 461 7.06 13.34 -4.31
C LEU B 461 6.23 14.15 -3.32
N SER B 462 6.77 14.31 -2.12
CA SER B 462 6.12 15.10 -1.06
C SER B 462 7.06 16.23 -0.72
N VAL B 463 6.51 17.45 -0.62
CA VAL B 463 7.30 18.67 -0.42
C VAL B 463 6.66 19.52 0.68
N ALA B 464 7.48 20.07 1.60
CA ALA B 464 6.93 20.93 2.65
C ALA B 464 7.94 22.00 2.94
N PHE B 465 7.48 23.26 3.04
CA PHE B 465 8.37 24.39 3.40
C PHE B 465 9.66 24.41 2.57
N ALA B 466 9.53 24.49 1.25
CA ALA B 466 10.68 24.40 0.34
C ALA B 466 10.46 25.20 -0.94
N GLY B 467 11.53 25.53 -1.64
CA GLY B 467 11.43 26.26 -2.92
C GLY B 467 11.34 27.77 -2.74
N ASP B 468 11.51 28.48 -3.85
CA ASP B 468 11.48 29.95 -3.87
C ASP B 468 10.38 30.49 -4.74
N SER B 469 10.03 29.77 -5.81
CA SER B 469 9.11 30.37 -6.80
C SER B 469 8.46 29.28 -7.61
N ASP B 470 7.51 29.68 -8.46
CA ASP B 470 6.85 28.73 -9.37
C ASP B 470 7.82 27.95 -10.26
N LEU B 471 9.02 28.47 -10.48
CA LEU B 471 9.99 27.79 -11.33
C LEU B 471 10.29 26.42 -10.74
N GLY B 472 10.39 26.34 -9.42
CA GLY B 472 10.62 25.04 -8.75
C GLY B 472 9.57 24.01 -9.14
N MET B 473 8.30 24.34 -8.92
CA MET B 473 7.25 23.42 -9.27
C MET B 473 7.22 23.10 -10.78
N HIS B 474 7.49 24.11 -11.60
CA HIS B 474 7.61 23.88 -13.05
C HIS B 474 8.63 22.78 -13.40
N HIS B 475 9.82 22.82 -12.79
CA HIS B 475 10.88 21.85 -13.16
C HIS B 475 10.38 20.42 -12.91
N VAL B 476 9.64 20.27 -11.80
CA VAL B 476 9.05 18.95 -11.41
C VAL B 476 7.99 18.50 -12.42
N LEU B 477 7.03 19.34 -12.71
CA LEU B 477 5.97 18.96 -13.67
C LEU B 477 6.52 18.79 -15.09
N SER B 478 7.51 19.58 -15.47
CA SER B 478 8.11 19.51 -16.81
C SER B 478 9.02 18.27 -16.97
N GLY B 479 9.70 17.91 -15.90
CA GLY B 479 10.78 16.95 -15.96
C GLY B 479 10.51 15.53 -15.48
N CYS B 480 9.57 15.36 -14.56
CA CYS B 480 9.44 14.07 -13.85
C CYS B 480 8.51 13.13 -14.61
N ASP B 481 9.12 12.45 -15.58
CA ASP B 481 8.42 11.55 -16.52
C ASP B 481 7.51 10.53 -15.91
N SER B 482 7.85 10.00 -14.72
CA SER B 482 7.06 8.90 -14.12
C SER B 482 6.08 9.35 -13.01
N LEU B 483 5.96 10.66 -12.81
CA LEU B 483 5.19 11.21 -11.68
C LEU B 483 3.74 10.76 -11.65
N ARG B 484 3.33 10.23 -10.51
CA ARG B 484 1.95 9.82 -10.32
C ARG B 484 1.24 10.66 -9.26
N LYS B 485 1.96 11.03 -8.18
CA LYS B 485 1.37 11.75 -7.06
C LYS B 485 2.34 12.85 -6.66
N LEU B 486 1.87 14.10 -6.63
CA LEU B 486 2.64 15.21 -6.11
C LEU B 486 1.84 15.82 -4.98
N GLU B 487 2.47 16.03 -3.82
CA GLU B 487 1.77 16.65 -2.69
C GLU B 487 2.65 17.69 -2.08
N ILE B 488 2.08 18.87 -1.88
CA ILE B 488 2.84 20.06 -1.54
C ILE B 488 2.13 20.81 -0.43
N ARG B 489 2.89 21.22 0.57
CA ARG B 489 2.35 22.08 1.60
C ARG B 489 3.32 23.19 1.97
N ASP B 490 2.78 24.37 2.18
CA ASP B 490 3.56 25.45 2.73
C ASP B 490 4.76 25.82 1.86
N CYS B 491 4.54 25.92 0.55
CA CYS B 491 5.59 26.31 -0.40
C CYS B 491 5.13 27.55 -1.21
N PRO B 492 6.09 28.37 -1.68
CA PRO B 492 5.74 29.57 -2.47
C PRO B 492 5.47 29.22 -3.94
N PHE B 493 4.57 28.27 -4.14
CA PHE B 493 4.16 27.83 -5.46
C PHE B 493 2.73 28.26 -5.67
N GLY B 494 2.47 28.89 -6.82
CA GLY B 494 1.12 29.35 -7.09
C GLY B 494 0.58 29.01 -8.47
N ASP B 495 0.18 30.05 -9.20
CA ASP B 495 -0.63 29.87 -10.40
C ASP B 495 0.15 29.46 -11.64
N LYS B 496 1.40 29.90 -11.73
CA LYS B 496 2.12 29.90 -13.01
C LYS B 496 2.54 28.51 -13.43
N ALA B 497 3.15 27.76 -12.51
CA ALA B 497 3.55 26.41 -12.84
C ALA B 497 2.34 25.50 -13.05
N LEU B 498 1.29 25.66 -12.22
CA LEU B 498 0.10 24.83 -12.37
C LEU B 498 -0.51 25.00 -13.76
N LEU B 499 -0.69 26.25 -14.19
CA LEU B 499 -1.41 26.47 -15.47
C LEU B 499 -0.54 26.15 -16.69
N ALA B 500 0.73 26.52 -16.63
CA ALA B 500 1.69 26.20 -17.70
C ALA B 500 1.87 24.70 -17.96
N ASN B 501 1.61 23.88 -16.95
CA ASN B 501 1.79 22.43 -17.09
C ASN B 501 0.50 21.69 -16.90
N ALA B 502 -0.61 22.29 -17.29
CA ALA B 502 -1.92 21.70 -17.02
C ALA B 502 -2.08 20.29 -17.60
N SER B 503 -1.60 20.06 -18.82
CA SER B 503 -1.78 18.75 -19.48
C SER B 503 -1.03 17.60 -18.76
N LYS B 504 0.08 17.94 -18.09
CA LYS B 504 0.79 16.96 -17.24
C LYS B 504 -0.13 16.36 -16.17
N LEU B 505 -1.12 17.14 -15.71
CA LEU B 505 -2.01 16.67 -14.65
C LEU B 505 -2.88 15.48 -15.09
N GLU B 506 -3.15 15.36 -16.40
CA GLU B 506 -3.89 14.18 -16.89
C GLU B 506 -3.06 12.89 -16.91
N THR B 507 -1.78 13.00 -16.59
CA THR B 507 -0.90 11.84 -16.57
C THR B 507 -0.63 11.36 -15.14
N MET B 508 -1.27 12.00 -14.16
CA MET B 508 -0.99 11.74 -12.73
C MET B 508 -2.24 11.33 -11.99
N ARG B 509 -2.12 10.56 -10.89
CA ARG B 509 -3.29 10.25 -10.10
C ARG B 509 -3.84 11.55 -9.55
N SER B 510 -2.95 12.37 -8.95
CA SER B 510 -3.44 13.58 -8.30
C SER B 510 -2.34 14.56 -7.97
N LEU B 511 -2.77 15.79 -7.73
CA LEU B 511 -1.89 16.83 -7.23
C LEU B 511 -2.61 17.48 -6.03
N TRP B 512 -1.89 17.61 -4.91
CA TRP B 512 -2.41 18.23 -3.69
C TRP B 512 -1.53 19.45 -3.38
N MET B 513 -2.15 20.60 -3.10
CA MET B 513 -1.39 21.80 -2.70
C MET B 513 -2.15 22.47 -1.59
N SER B 514 -1.56 22.58 -0.41
CA SER B 514 -2.22 23.26 0.71
C SER B 514 -1.31 24.33 1.34
N SER B 515 -1.88 25.46 1.74
CA SER B 515 -1.13 26.59 2.26
C SER B 515 -0.03 27.05 1.31
N CYS B 516 -0.30 26.98 0.01
CA CYS B 516 0.59 27.52 -1.00
C CYS B 516 -0.03 28.85 -1.48
N SER B 517 0.33 29.28 -2.68
CA SER B 517 -0.11 30.59 -3.20
C SER B 517 -1.11 30.51 -4.35
N VAL B 518 -1.71 29.35 -4.59
CA VAL B 518 -2.63 29.15 -5.72
C VAL B 518 -3.90 29.96 -5.53
N SER B 519 -4.17 30.87 -6.47
CA SER B 519 -5.32 31.76 -6.34
C SER B 519 -6.61 31.04 -6.70
N PHE B 520 -7.73 31.53 -6.17
CA PHE B 520 -9.03 31.07 -6.62
C PHE B 520 -9.20 31.21 -8.15
N GLY B 521 -8.75 32.35 -8.70
CA GLY B 521 -8.86 32.59 -10.13
C GLY B 521 -8.14 31.53 -10.98
N ALA B 522 -6.95 31.11 -10.54
CA ALA B 522 -6.24 30.00 -11.23
C ALA B 522 -7.01 28.71 -11.17
N CYS B 523 -7.59 28.39 -10.01
CA CYS B 523 -8.38 27.16 -9.93
C CYS B 523 -9.60 27.20 -10.86
N LYS B 524 -10.26 28.34 -10.96
CA LYS B 524 -11.41 28.48 -11.87
C LYS B 524 -10.95 28.24 -13.29
N LEU B 525 -9.85 28.88 -13.68
CA LEU B 525 -9.36 28.78 -15.08
C LEU B 525 -8.90 27.34 -15.38
N LEU B 526 -8.19 26.73 -14.41
CA LEU B 526 -7.74 25.35 -14.62
C LEU B 526 -8.94 24.44 -14.84
N GLY B 527 -9.99 24.64 -14.06
CA GLY B 527 -11.23 23.85 -14.21
C GLY B 527 -11.87 24.02 -15.58
N GLN B 528 -11.85 25.24 -16.07
CA GLN B 528 -12.38 25.54 -17.43
C GLN B 528 -11.60 24.86 -18.55
N LYS B 529 -10.27 24.88 -18.43
CA LYS B 529 -9.38 24.38 -19.43
C LYS B 529 -9.42 22.83 -19.48
N MET B 530 -9.51 22.22 -18.31
CA MET B 530 -9.36 20.77 -18.17
C MET B 530 -10.61 20.10 -17.63
N PRO B 531 -11.62 19.87 -18.49
CA PRO B 531 -12.85 19.27 -18.00
C PRO B 531 -12.74 17.83 -17.47
N LYS B 532 -11.70 17.11 -17.84
CA LYS B 532 -11.53 15.73 -17.35
C LYS B 532 -10.75 15.67 -16.04
N LEU B 533 -10.41 16.85 -15.49
CA LEU B 533 -9.87 16.96 -14.14
C LEU B 533 -10.96 17.41 -13.17
N ASN B 534 -11.02 16.82 -11.98
CA ASN B 534 -11.77 17.47 -10.90
C ASN B 534 -10.79 18.38 -10.17
N VAL B 535 -11.08 19.69 -10.17
CA VAL B 535 -10.24 20.67 -9.48
C VAL B 535 -11.07 21.07 -8.28
N GLU B 536 -10.67 20.64 -7.08
CA GLU B 536 -11.51 20.82 -5.88
C GLU B 536 -10.84 21.82 -4.96
N VAL B 537 -11.54 22.92 -4.69
CA VAL B 537 -11.05 23.93 -3.78
C VAL B 537 -11.63 23.52 -2.44
N ILE B 538 -10.77 23.36 -1.44
CA ILE B 538 -11.17 22.88 -0.13
C ILE B 538 -10.84 23.98 0.86
N ASP B 539 -11.85 24.71 1.33
CA ASP B 539 -11.61 25.97 2.04
C ASP B 539 -12.72 26.20 3.04
N GLU B 540 -12.34 26.39 4.29
CA GLU B 540 -13.31 26.47 5.37
C GLU B 540 -13.73 27.90 5.69
N ARG B 541 -13.34 28.86 4.85
CA ARG B 541 -13.63 30.29 5.13
C ARG B 541 -14.88 30.81 4.45
N GLY B 542 -15.74 29.93 3.95
CA GLY B 542 -16.89 30.37 3.17
C GLY B 542 -16.60 30.44 1.67
N ALA B 543 -17.64 30.73 0.89
CA ALA B 543 -17.54 30.78 -0.57
C ALA B 543 -16.33 31.59 -1.04
N PRO B 544 -15.48 30.98 -1.89
CA PRO B 544 -14.31 31.62 -2.46
C PRO B 544 -14.63 32.89 -3.25
N ASP B 545 -15.82 32.97 -3.83
CA ASP B 545 -16.23 34.20 -4.54
C ASP B 545 -16.54 35.40 -3.61
N SER B 546 -16.42 35.18 -2.30
CA SER B 546 -16.57 36.23 -1.29
C SER B 546 -15.26 36.97 -1.03
N ARG B 547 -14.17 36.48 -1.62
CA ARG B 547 -12.85 37.12 -1.55
C ARG B 547 -12.42 37.41 -2.99
N PRO B 548 -11.44 38.32 -3.19
CA PRO B 548 -10.95 38.58 -4.56
C PRO B 548 -10.44 37.32 -5.23
N GLU B 549 -10.60 37.21 -6.54
CA GLU B 549 -10.05 36.06 -7.33
C GLU B 549 -8.57 35.76 -7.10
N SER B 550 -7.79 36.79 -6.78
CA SER B 550 -6.35 36.66 -6.54
C SER B 550 -6.00 36.03 -5.18
N CYS B 551 -6.98 35.90 -4.30
CA CYS B 551 -6.72 35.41 -2.94
C CYS B 551 -6.39 33.91 -2.97
N PRO B 552 -5.25 33.53 -2.39
CA PRO B 552 -4.92 32.07 -2.36
C PRO B 552 -5.98 31.27 -1.66
N VAL B 553 -6.27 30.07 -2.18
CA VAL B 553 -7.22 29.16 -1.48
C VAL B 553 -6.44 28.41 -0.40
N GLU B 554 -7.13 27.95 0.64
CA GLU B 554 -6.51 27.13 1.70
C GLU B 554 -5.86 25.86 1.14
N ARG B 555 -6.60 25.16 0.28
CA ARG B 555 -6.18 23.86 -0.30
C ARG B 555 -6.80 23.73 -1.67
N VAL B 556 -6.06 23.08 -2.59
CA VAL B 556 -6.65 22.60 -3.82
C VAL B 556 -6.18 21.16 -4.05
N PHE B 557 -7.12 20.31 -4.47
CA PHE B 557 -6.85 18.91 -4.73
C PHE B 557 -7.34 18.65 -6.16
N ILE B 558 -6.43 18.23 -7.04
CA ILE B 558 -6.75 18.08 -8.46
C ILE B 558 -6.55 16.61 -8.84
N TYR B 559 -7.52 16.01 -9.50
CA TYR B 559 -7.33 14.64 -9.95
C TYR B 559 -8.08 14.33 -11.23
N ARG B 560 -7.44 13.54 -12.10
CA ARG B 560 -8.08 13.08 -13.33
C ARG B 560 -9.15 12.07 -12.99
N THR B 561 -10.20 12.04 -13.80
CA THR B 561 -11.30 11.13 -13.53
C THR B 561 -12.07 10.89 -14.80
N VAL B 562 -12.65 9.69 -14.92
CA VAL B 562 -13.56 9.41 -16.03
C VAL B 562 -15.01 9.55 -15.59
N ALA B 563 -15.20 9.89 -14.33
CA ALA B 563 -16.51 9.96 -13.71
C ALA B 563 -17.06 11.38 -13.63
N GLY B 564 -16.19 12.37 -13.79
CA GLY B 564 -16.64 13.76 -13.71
C GLY B 564 -16.83 14.20 -12.28
N PRO B 565 -17.41 15.40 -12.07
CA PRO B 565 -17.58 15.92 -10.70
C PRO B 565 -18.33 14.93 -9.79
N ARG B 566 -17.89 14.83 -8.55
CA ARG B 566 -18.52 13.91 -7.61
C ARG B 566 -19.79 14.52 -7.01
N PHE B 567 -20.66 13.64 -6.55
CA PHE B 567 -21.98 14.01 -6.06
C PHE B 567 -22.04 14.17 -4.54
N ASP B 568 -20.91 13.98 -3.84
CA ASP B 568 -20.93 13.95 -2.37
C ASP B 568 -20.06 15.00 -1.69
N MET B 569 -19.76 16.08 -2.40
CA MET B 569 -18.98 17.17 -1.82
C MET B 569 -19.75 17.81 -0.67
N PRO B 570 -19.06 18.10 0.45
CA PRO B 570 -19.60 18.87 1.56
C PRO B 570 -19.65 20.37 1.23
N GLY B 571 -20.10 21.18 2.16
CA GLY B 571 -20.26 22.63 1.91
C GLY B 571 -18.97 23.43 1.75
N PHE B 572 -17.84 22.82 2.10
CA PHE B 572 -16.54 23.51 2.06
C PHE B 572 -15.66 23.03 0.91
N VAL B 573 -16.26 22.28 0.00
CA VAL B 573 -15.61 21.88 -1.21
C VAL B 573 -16.36 22.37 -2.44
N TRP B 574 -15.64 22.98 -3.38
CA TRP B 574 -16.18 23.44 -4.66
C TRP B 574 -15.39 22.83 -5.81
N ASN B 575 -16.10 22.23 -6.76
CA ASN B 575 -15.54 21.73 -7.99
C ASN B 575 -15.57 22.86 -9.03
N MET B 576 -14.45 23.08 -9.69
CA MET B 576 -14.38 24.14 -10.67
C MET B 576 -14.92 23.60 -11.98
#